data_2PM1
# 
_entry.id   2PM1 
# 
_audit_conform.dict_name       mmcif_pdbx.dic 
_audit_conform.dict_version    5.398 
_audit_conform.dict_location   http://mmcif.pdb.org/dictionaries/ascii/mmcif_pdbx.dic 
# 
loop_
_database_2.database_id 
_database_2.database_code 
_database_2.pdbx_database_accession 
_database_2.pdbx_DOI 
PDB   2PM1         pdb_00002pm1 10.2210/pdb2pm1/pdb 
RCSB  RCSB042524   ?            ?                   
WWPDB D_1000042524 ?            ?                   
# 
loop_
_pdbx_audit_revision_history.ordinal 
_pdbx_audit_revision_history.data_content_type 
_pdbx_audit_revision_history.major_revision 
_pdbx_audit_revision_history.minor_revision 
_pdbx_audit_revision_history.revision_date 
1 'Structure model' 1 0 2007-05-29 
2 'Structure model' 1 1 2008-05-01 
3 'Structure model' 1 2 2011-07-13 
4 'Structure model' 1 3 2021-10-20 
5 'Structure model' 1 4 2023-08-30 
6 'Structure model' 1 5 2024-11-06 
# 
_pdbx_audit_revision_details.ordinal             1 
_pdbx_audit_revision_details.revision_ordinal    1 
_pdbx_audit_revision_details.data_content_type   'Structure model' 
_pdbx_audit_revision_details.provider            repository 
_pdbx_audit_revision_details.type                'Initial release' 
_pdbx_audit_revision_details.description         ? 
_pdbx_audit_revision_details.details             ? 
# 
loop_
_pdbx_audit_revision_group.ordinal 
_pdbx_audit_revision_group.revision_ordinal 
_pdbx_audit_revision_group.data_content_type 
_pdbx_audit_revision_group.group 
1 2 'Structure model' 'Version format compliance' 
2 3 'Structure model' 'Version format compliance' 
3 4 'Structure model' 'Database references'       
4 4 'Structure model' 'Derived calculations'      
5 5 'Structure model' 'Data collection'           
6 5 'Structure model' 'Refinement description'    
7 6 'Structure model' 'Structure summary'         
# 
loop_
_pdbx_audit_revision_category.ordinal 
_pdbx_audit_revision_category.revision_ordinal 
_pdbx_audit_revision_category.data_content_type 
_pdbx_audit_revision_category.category 
1 4 'Structure model' database_2                    
2 4 'Structure model' struct_conn                   
3 4 'Structure model' struct_ref_seq_dif            
4 5 'Structure model' chem_comp_atom                
5 5 'Structure model' chem_comp_bond                
6 5 'Structure model' pdbx_initial_refinement_model 
7 6 'Structure model' pdbx_entry_details            
8 6 'Structure model' pdbx_modification_feature     
# 
loop_
_pdbx_audit_revision_item.ordinal 
_pdbx_audit_revision_item.revision_ordinal 
_pdbx_audit_revision_item.data_content_type 
_pdbx_audit_revision_item.item 
1 4 'Structure model' '_database_2.pdbx_DOI'                
2 4 'Structure model' '_database_2.pdbx_database_accession' 
3 4 'Structure model' '_struct_conn.pdbx_leaving_atom_flag' 
4 4 'Structure model' '_struct_ref_seq_dif.details'         
# 
_database_PDB_caveat.id     1 
_database_PDB_caveat.text   'Chirality error at the CB center of THR A 18' 
# 
_pdbx_database_status.status_code                     REL 
_pdbx_database_status.entry_id                        2PM1 
_pdbx_database_status.recvd_initial_deposition_date   2007-04-20 
_pdbx_database_status.deposit_site                    RCSB 
_pdbx_database_status.process_site                    RCSB 
_pdbx_database_status.status_code_sf                  REL 
_pdbx_database_status.status_code_mr                  ? 
_pdbx_database_status.SG_entry                        ? 
_pdbx_database_status.pdb_format_compatible           Y 
_pdbx_database_status.status_code_cs                  ? 
_pdbx_database_status.status_code_nmr_data            ? 
_pdbx_database_status.methods_development_category    ? 
# 
loop_
_pdbx_database_related.db_name 
_pdbx_database_related.db_id 
_pdbx_database_related.details 
_pdbx_database_related.content_type 
PDB 1DFN 'human alpha-defensin 3'          unspecified 
PDB 1ZMH 'human alpha-defensin 2 (mutant)' unspecified 
PDB 1ZMI 'human alpha-defensin 2 (mutant)' unspecified 
PDB 1ZMK 'human alpha-defensin 2 (mutant)' unspecified 
# 
loop_
_audit_author.name 
_audit_author.pdbx_ordinal 
'Lubkowski, J.' 1 
'Pazgier, M.'   2 
'Lu, W.'        3 
# 
_citation.id                        primary 
_citation.title                     'Derivative of human alpha-defensin 1 (HNP1)' 
_citation.journal_abbrev            'To be Published' 
_citation.journal_volume            ? 
_citation.page_first                ? 
_citation.page_last                 ? 
_citation.year                      ? 
_citation.journal_id_ASTM           ? 
_citation.country                   ? 
_citation.journal_id_ISSN           ? 
_citation.journal_id_CSD            0353 
_citation.book_publisher            ? 
_citation.pdbx_database_id_PubMed   ? 
_citation.pdbx_database_id_DOI      ? 
# 
loop_
_citation_author.citation_id 
_citation_author.name 
_citation_author.ordinal 
_citation_author.identifier_ORCID 
primary 'Lubkowski, J.' 1 ? 
primary 'Lu, W.'        2 ? 
primary 'Zou, G.'       3 ? 
primary 'de Leeuw, E.'  4 ? 
primary 'Li, C.'        5 ? 
primary 'Pazgier, M.'   6 ? 
primary 'Zeng, P.'      7 ? 
primary 'Lu, W.Y.'      8 ? 
# 
loop_
_entity.id 
_entity.type 
_entity.src_method 
_entity.pdbx_description 
_entity.formula_weight 
_entity.pdbx_number_of_molecules 
_entity.pdbx_ec 
_entity.pdbx_mutation 
_entity.pdbx_fragment 
_entity.details 
1 polymer man 'Neutrophil defensin 1 (HNP-1) (HP-1) (HP1) (Defensin, alpha 1)' 3280.886 1  ? 'Arg14->Dab, Arg15->Dab, Arg24->Dab' 
? ? 
2 water   nat water                                                            18.015   53 ? ?                                    
? ? 
# 
_entity_poly.entity_id                      1 
_entity_poly.type                           'polypeptide(L)' 
_entity_poly.nstd_linkage                   no 
_entity_poly.nstd_monomer                   yes 
_entity_poly.pdbx_seq_one_letter_code       'ACYCRIPACIAGE(DAB)(DAB)YGTCIYQG(DAB)LWAFCC' 
_entity_poly.pdbx_seq_one_letter_code_can   ACYCRIPACIAGEAAYGTCIYQGALWAFCC 
_entity_poly.pdbx_strand_id                 A 
_entity_poly.pdbx_target_identifier         ? 
# 
_pdbx_entity_nonpoly.entity_id   2 
_pdbx_entity_nonpoly.name        water 
_pdbx_entity_nonpoly.comp_id     HOH 
# 
loop_
_entity_poly_seq.entity_id 
_entity_poly_seq.num 
_entity_poly_seq.mon_id 
_entity_poly_seq.hetero 
1 1  ALA n 
1 2  CYS n 
1 3  TYR n 
1 4  CYS n 
1 5  ARG n 
1 6  ILE n 
1 7  PRO n 
1 8  ALA n 
1 9  CYS n 
1 10 ILE n 
1 11 ALA n 
1 12 GLY n 
1 13 GLU n 
1 14 DAB n 
1 15 DAB n 
1 16 TYR n 
1 17 GLY n 
1 18 THR n 
1 19 CYS n 
1 20 ILE n 
1 21 TYR n 
1 22 GLN n 
1 23 GLY n 
1 24 DAB n 
1 25 LEU n 
1 26 TRP n 
1 27 ALA n 
1 28 PHE n 
1 29 CYS n 
1 30 CYS n 
# 
_entity_src_gen.entity_id                          1 
_entity_src_gen.pdbx_src_id                        1 
_entity_src_gen.pdbx_alt_source_flag               sample 
_entity_src_gen.pdbx_seq_type                      ? 
_entity_src_gen.pdbx_beg_seq_num                   ? 
_entity_src_gen.pdbx_end_seq_num                   ? 
_entity_src_gen.gene_src_common_name               human 
_entity_src_gen.gene_src_genus                     Homo 
_entity_src_gen.pdbx_gene_src_gene                 'DEFA1, DEF1, DEFA2' 
_entity_src_gen.gene_src_species                   ? 
_entity_src_gen.gene_src_strain                    DEF1 
_entity_src_gen.gene_src_tissue                    ? 
_entity_src_gen.gene_src_tissue_fraction           ? 
_entity_src_gen.gene_src_details                   ? 
_entity_src_gen.pdbx_gene_src_fragment             ? 
_entity_src_gen.pdbx_gene_src_scientific_name      'Homo sapiens' 
_entity_src_gen.pdbx_gene_src_ncbi_taxonomy_id     9606 
_entity_src_gen.pdbx_gene_src_variant              ? 
_entity_src_gen.pdbx_gene_src_cell_line            ? 
_entity_src_gen.pdbx_gene_src_atcc                 ? 
_entity_src_gen.pdbx_gene_src_organ                ? 
_entity_src_gen.pdbx_gene_src_organelle            ? 
_entity_src_gen.pdbx_gene_src_cell                 ? 
_entity_src_gen.pdbx_gene_src_cellular_location    ? 
_entity_src_gen.host_org_common_name               ? 
_entity_src_gen.pdbx_host_org_scientific_name      'Escherichia coli' 
_entity_src_gen.pdbx_host_org_ncbi_taxonomy_id     562 
_entity_src_gen.host_org_genus                     Escherichia 
_entity_src_gen.pdbx_host_org_gene                 ? 
_entity_src_gen.pdbx_host_org_organ                ? 
_entity_src_gen.host_org_species                   ? 
_entity_src_gen.pdbx_host_org_tissue               ? 
_entity_src_gen.pdbx_host_org_tissue_fraction      ? 
_entity_src_gen.pdbx_host_org_strain               ? 
_entity_src_gen.pdbx_host_org_variant              ? 
_entity_src_gen.pdbx_host_org_cell_line            ? 
_entity_src_gen.pdbx_host_org_atcc                 ? 
_entity_src_gen.pdbx_host_org_culture_collection   ? 
_entity_src_gen.pdbx_host_org_cell                 ? 
_entity_src_gen.pdbx_host_org_organelle            ? 
_entity_src_gen.pdbx_host_org_cellular_location    ? 
_entity_src_gen.pdbx_host_org_vector_type          ? 
_entity_src_gen.pdbx_host_org_vector               ? 
_entity_src_gen.host_org_details                   ? 
_entity_src_gen.expression_system_id               ? 
_entity_src_gen.plasmid_name                       ? 
_entity_src_gen.plasmid_details                    ? 
_entity_src_gen.pdbx_description                   ? 
# 
loop_
_chem_comp.id 
_chem_comp.type 
_chem_comp.mon_nstd_flag 
_chem_comp.name 
_chem_comp.pdbx_synonyms 
_chem_comp.formula 
_chem_comp.formula_weight 
ALA 'L-peptide linking' y ALANINE                   ? 'C3 H7 N O2'     89.093  
ARG 'L-peptide linking' y ARGININE                  ? 'C6 H15 N4 O2 1' 175.209 
CYS 'L-peptide linking' y CYSTEINE                  ? 'C3 H7 N O2 S'   121.158 
DAB 'L-peptide linking' n '2,4-DIAMINOBUTYRIC ACID' ? 'C4 H10 N2 O2'   118.134 
GLN 'L-peptide linking' y GLUTAMINE                 ? 'C5 H10 N2 O3'   146.144 
GLU 'L-peptide linking' y 'GLUTAMIC ACID'           ? 'C5 H9 N O4'     147.129 
GLY 'peptide linking'   y GLYCINE                   ? 'C2 H5 N O2'     75.067  
HOH non-polymer         . WATER                     ? 'H2 O'           18.015  
ILE 'L-peptide linking' y ISOLEUCINE                ? 'C6 H13 N O2'    131.173 
LEU 'L-peptide linking' y LEUCINE                   ? 'C6 H13 N O2'    131.173 
PHE 'L-peptide linking' y PHENYLALANINE             ? 'C9 H11 N O2'    165.189 
PRO 'L-peptide linking' y PROLINE                   ? 'C5 H9 N O2'     115.130 
THR 'L-peptide linking' y THREONINE                 ? 'C4 H9 N O3'     119.119 
TRP 'L-peptide linking' y TRYPTOPHAN                ? 'C11 H12 N2 O2'  204.225 
TYR 'L-peptide linking' y TYROSINE                  ? 'C9 H11 N O3'    181.189 
# 
loop_
_pdbx_poly_seq_scheme.asym_id 
_pdbx_poly_seq_scheme.entity_id 
_pdbx_poly_seq_scheme.seq_id 
_pdbx_poly_seq_scheme.mon_id 
_pdbx_poly_seq_scheme.ndb_seq_num 
_pdbx_poly_seq_scheme.pdb_seq_num 
_pdbx_poly_seq_scheme.auth_seq_num 
_pdbx_poly_seq_scheme.pdb_mon_id 
_pdbx_poly_seq_scheme.auth_mon_id 
_pdbx_poly_seq_scheme.pdb_strand_id 
_pdbx_poly_seq_scheme.pdb_ins_code 
_pdbx_poly_seq_scheme.hetero 
A 1 1  ALA 1  1  1  ALA ALA A . n 
A 1 2  CYS 2  2  2  CYS CYS A . n 
A 1 3  TYR 3  3  3  TYR TYR A . n 
A 1 4  CYS 4  4  4  CYS CYS A . n 
A 1 5  ARG 5  5  5  ARG ARG A . n 
A 1 6  ILE 6  6  6  ILE ILE A . n 
A 1 7  PRO 7  7  7  PRO PRO A . n 
A 1 8  ALA 8  8  8  ALA ALA A . n 
A 1 9  CYS 9  9  9  CYS CYS A . n 
A 1 10 ILE 10 10 10 ILE ILE A . n 
A 1 11 ALA 11 11 11 ALA ALA A . n 
A 1 12 GLY 12 12 12 GLY GLY A . n 
A 1 13 GLU 13 13 13 GLU GLU A . n 
A 1 14 DAB 14 14 14 DAB DAB A . n 
A 1 15 DAB 15 15 15 DAB DAB A . n 
A 1 16 TYR 16 16 16 TYR TYR A . n 
A 1 17 GLY 17 17 17 GLY GLY A . n 
A 1 18 THR 18 18 18 THR THR A . n 
A 1 19 CYS 19 19 19 CYS CYS A . n 
A 1 20 ILE 20 20 20 ILE ILE A . n 
A 1 21 TYR 21 21 21 TYR TYR A . n 
A 1 22 GLN 22 22 22 GLN GLN A . n 
A 1 23 GLY 23 23 23 GLY GLY A . n 
A 1 24 DAB 24 24 24 DAB DAB A . n 
A 1 25 LEU 25 25 25 LEU LEU A . n 
A 1 26 TRP 26 26 26 TRP TRP A . n 
A 1 27 ALA 27 27 27 ALA ALA A . n 
A 1 28 PHE 28 28 28 PHE PHE A . n 
A 1 29 CYS 29 29 29 CYS CYS A . n 
A 1 30 CYS 30 30 30 CYS CYS A . n 
# 
loop_
_pdbx_nonpoly_scheme.asym_id 
_pdbx_nonpoly_scheme.entity_id 
_pdbx_nonpoly_scheme.mon_id 
_pdbx_nonpoly_scheme.ndb_seq_num 
_pdbx_nonpoly_scheme.pdb_seq_num 
_pdbx_nonpoly_scheme.auth_seq_num 
_pdbx_nonpoly_scheme.pdb_mon_id 
_pdbx_nonpoly_scheme.auth_mon_id 
_pdbx_nonpoly_scheme.pdb_strand_id 
_pdbx_nonpoly_scheme.pdb_ins_code 
B 2 HOH 1  31 1  HOH HOH A . 
B 2 HOH 2  32 2  HOH HOH A . 
B 2 HOH 3  33 3  HOH HOH A . 
B 2 HOH 4  34 4  HOH HOH A . 
B 2 HOH 5  35 5  HOH HOH A . 
B 2 HOH 6  36 6  HOH HOH A . 
B 2 HOH 7  37 7  HOH HOH A . 
B 2 HOH 8  38 8  HOH HOH A . 
B 2 HOH 9  39 9  HOH HOH A . 
B 2 HOH 10 40 10 HOH HOH A . 
B 2 HOH 11 41 11 HOH HOH A . 
B 2 HOH 12 42 12 HOH HOH A . 
B 2 HOH 13 43 13 HOH HOH A . 
B 2 HOH 14 44 14 HOH HOH A . 
B 2 HOH 15 45 15 HOH HOH A . 
B 2 HOH 16 46 16 HOH HOH A . 
B 2 HOH 17 47 17 HOH HOH A . 
B 2 HOH 18 48 18 HOH HOH A . 
B 2 HOH 19 49 19 HOH HOH A . 
B 2 HOH 20 50 20 HOH HOH A . 
B 2 HOH 21 51 21 HOH HOH A . 
B 2 HOH 22 52 22 HOH HOH A . 
B 2 HOH 23 53 23 HOH HOH A . 
B 2 HOH 24 54 24 HOH HOH A . 
B 2 HOH 25 55 25 HOH HOH A . 
B 2 HOH 26 56 26 HOH HOH A . 
B 2 HOH 27 57 27 HOH HOH A . 
B 2 HOH 28 58 28 HOH HOH A . 
B 2 HOH 29 59 29 HOH HOH A . 
B 2 HOH 30 60 30 HOH HOH A . 
B 2 HOH 31 61 31 HOH HOH A . 
B 2 HOH 32 62 32 HOH HOH A . 
B 2 HOH 33 63 33 HOH HOH A . 
B 2 HOH 34 64 34 HOH HOH A . 
B 2 HOH 35 65 35 HOH HOH A . 
B 2 HOH 36 66 36 HOH HOH A . 
B 2 HOH 37 67 37 HOH HOH A . 
B 2 HOH 38 68 38 HOH HOH A . 
B 2 HOH 39 69 39 HOH HOH A . 
B 2 HOH 40 70 40 HOH HOH A . 
B 2 HOH 41 71 41 HOH HOH A . 
B 2 HOH 42 72 42 HOH HOH A . 
B 2 HOH 43 73 43 HOH HOH A . 
B 2 HOH 44 74 44 HOH HOH A . 
B 2 HOH 45 75 45 HOH HOH A . 
B 2 HOH 46 76 46 HOH HOH A . 
B 2 HOH 47 77 47 HOH HOH A . 
B 2 HOH 48 78 48 HOH HOH A . 
B 2 HOH 49 79 49 HOH HOH A . 
B 2 HOH 50 80 50 HOH HOH A . 
B 2 HOH 51 81 51 HOH HOH A . 
B 2 HOH 52 82 52 HOH HOH A . 
B 2 HOH 53 83 53 HOH HOH A . 
# 
loop_
_software.name 
_software.classification 
_software.version 
_software.citation_id 
_software.pdbx_ordinal 
REFMAC   refinement        5.2.0019 ? 1 
HKL-2000 'data collection' .        ? 2 
HKL-2000 'data reduction'  .        ? 3 
HKL-2000 'data scaling'    .        ? 4 
PHASER   phasing           .        ? 5 
# 
_cell.entry_id           2PM1 
_cell.length_a           38.811 
_cell.length_b           38.811 
_cell.length_c           31.560 
_cell.angle_alpha        90.00 
_cell.angle_beta         90.00 
_cell.angle_gamma        120.00 
_cell.Z_PDB              6 
_cell.pdbx_unique_axis   ? 
_cell.length_a_esd       ? 
_cell.length_b_esd       ? 
_cell.length_c_esd       ? 
_cell.angle_alpha_esd    ? 
_cell.angle_beta_esd     ? 
_cell.angle_gamma_esd    ? 
# 
_symmetry.entry_id                         2PM1 
_symmetry.space_group_name_H-M             'P 31 2 1' 
_symmetry.pdbx_full_space_group_name_H-M   ? 
_symmetry.cell_setting                     ? 
_symmetry.Int_Tables_number                152 
_symmetry.space_group_name_Hall            ? 
# 
_exptl.entry_id          2PM1 
_exptl.method            'X-RAY DIFFRACTION' 
_exptl.crystals_number   1 
# 
_exptl_crystal.id                    1 
_exptl_crystal.density_meas          ? 
_exptl_crystal.density_Matthews      2.09 
_exptl_crystal.density_percent_sol   41.17 
_exptl_crystal.description           ? 
_exptl_crystal.F_000                 ? 
_exptl_crystal.preparation           ? 
# 
_exptl_crystal_grow.crystal_id      1 
_exptl_crystal_grow.method          'VAPOR DIFFUSION, HANGING DROP' 
_exptl_crystal_grow.temp            293 
_exptl_crystal_grow.temp_details    ? 
_exptl_crystal_grow.pH              7.5 
_exptl_crystal_grow.pdbx_details    
'0.2 M sodium citrate, 0.1 M HEPES, 20 (v/v/) iso-Propanol, pH 7.5, VAPOR DIFFUSION, HANGING DROP, temperature 293K' 
_exptl_crystal_grow.pdbx_pH_range   . 
# 
_diffrn.id                     1 
_diffrn.ambient_temp           ? 
_diffrn.ambient_temp_details   ? 
_diffrn.crystal_id             1 
# 
_diffrn_detector.diffrn_id              1 
_diffrn_detector.detector               CCD 
_diffrn_detector.type                   'MARMOSAIC 300 mm CCD' 
_diffrn_detector.pdbx_collection_date   2007-03-10 
_diffrn_detector.details                mirrors 
# 
_diffrn_radiation.diffrn_id                        1 
_diffrn_radiation.wavelength_id                    1 
_diffrn_radiation.pdbx_monochromatic_or_laue_m_l   M 
_diffrn_radiation.monochromator                    'SI crystal' 
_diffrn_radiation.pdbx_diffrn_protocol             'SINGLE WAVELENGTH' 
_diffrn_radiation.pdbx_scattering_type             x-ray 
# 
_diffrn_radiation_wavelength.id           1 
_diffrn_radiation_wavelength.wavelength   0.96 
_diffrn_radiation_wavelength.wt           1.0 
# 
_diffrn_source.diffrn_id                   1 
_diffrn_source.source                      SYNCHROTRON 
_diffrn_source.type                        'APS BEAMLINE 22-BM' 
_diffrn_source.pdbx_synchrotron_site       APS 
_diffrn_source.pdbx_synchrotron_beamline   22-BM 
_diffrn_source.pdbx_wavelength             ? 
_diffrn_source.pdbx_wavelength_list        0.96 
# 
_reflns.entry_id                     2PM1 
_reflns.observed_criterion_sigma_F   ? 
_reflns.observed_criterion_sigma_I   -3 
_reflns.d_resolution_high            1.6 
_reflns.d_resolution_low             30 
_reflns.number_all                   3787 
_reflns.number_obs                   3787 
_reflns.percent_possible_obs         98.4 
_reflns.pdbx_Rmerge_I_obs            0.077 
_reflns.pdbx_Rsym_value              0.077 
_reflns.pdbx_netI_over_sigmaI        16.7 
_reflns.B_iso_Wilson_estimate        ? 
_reflns.pdbx_redundancy              3.7 
_reflns.R_free_details               ? 
_reflns.limit_h_max                  ? 
_reflns.limit_h_min                  ? 
_reflns.limit_k_max                  ? 
_reflns.limit_k_min                  ? 
_reflns.limit_l_max                  ? 
_reflns.limit_l_min                  ? 
_reflns.observed_criterion_F_max     ? 
_reflns.observed_criterion_F_min     ? 
_reflns.pdbx_chi_squared             ? 
_reflns.pdbx_scaling_rejects         ? 
_reflns.pdbx_diffrn_id               1 
_reflns.pdbx_ordinal                 1 
# 
_reflns_shell.d_res_high             1.6 
_reflns_shell.d_res_low              1.66 
_reflns_shell.percent_possible_all   98.7 
_reflns_shell.Rmerge_I_obs           0.405 
_reflns_shell.pdbx_Rsym_value        0.405 
_reflns_shell.meanI_over_sigI_obs    2.8 
_reflns_shell.pdbx_redundancy        3.6 
_reflns_shell.percent_possible_obs   ? 
_reflns_shell.number_unique_all      374 
_reflns_shell.number_measured_all    ? 
_reflns_shell.number_measured_obs    ? 
_reflns_shell.number_unique_obs      ? 
_reflns_shell.pdbx_chi_squared       ? 
_reflns_shell.pdbx_diffrn_id         ? 
_reflns_shell.pdbx_ordinal           1 
# 
_refine.entry_id                                 2PM1 
_refine.ls_number_reflns_obs                     3602 
_refine.ls_number_reflns_all                     3787 
_refine.pdbx_ls_sigma_I                          0 
_refine.pdbx_ls_sigma_F                          0 
_refine.pdbx_data_cutoff_high_absF               ? 
_refine.pdbx_data_cutoff_low_absF                ? 
_refine.pdbx_data_cutoff_high_rms_absF           ? 
_refine.ls_d_res_low                             20.00 
_refine.ls_d_res_high                            1.60 
_refine.ls_percent_reflns_obs                    98.51 
_refine.ls_R_factor_obs                          0.15363 
_refine.ls_R_factor_all                          0.15363 
_refine.ls_R_factor_R_work                       0.15128 
_refine.ls_R_factor_R_free                       0.20087 
_refine.ls_R_factor_R_free_error                 ? 
_refine.ls_R_factor_R_free_error_details         ? 
_refine.ls_percent_reflns_R_free                 4.5 
_refine.ls_number_reflns_R_free                  168 
_refine.ls_number_parameters                     ? 
_refine.ls_number_restraints                     ? 
_refine.occupancy_min                            ? 
_refine.occupancy_max                            ? 
_refine.correlation_coeff_Fo_to_Fc               0.976 
_refine.correlation_coeff_Fo_to_Fc_free          0.963 
_refine.B_iso_mean                               24.406 
_refine.aniso_B[1][1]                            -0.07 
_refine.aniso_B[2][2]                            -0.07 
_refine.aniso_B[3][3]                            0.10 
_refine.aniso_B[1][2]                            -0.03 
_refine.aniso_B[1][3]                            0.00 
_refine.aniso_B[2][3]                            0.00 
_refine.solvent_model_details                    'BABINET MODEL WITH MASK' 
_refine.solvent_model_param_ksol                 ? 
_refine.solvent_model_param_bsol                 ? 
_refine.pdbx_solvent_vdw_probe_radii             1.20 
_refine.pdbx_solvent_ion_probe_radii             0.80 
_refine.pdbx_solvent_shrinkage_radii             0.80 
_refine.pdbx_ls_cross_valid_method               THROUGHOUT 
_refine.details                                  'HYDROGENS HAVE BEEN ADDED IN THE RIDING POSITIONS' 
_refine.pdbx_starting_model                      1DFN 
_refine.pdbx_method_to_determine_struct          'MOLECULAR REPLACEMENT' 
_refine.pdbx_isotropic_thermal_model             ? 
_refine.pdbx_stereochemistry_target_values       'MAXIMUM LIKELIHOOD' 
_refine.pdbx_stereochem_target_val_spec_case     ? 
_refine.pdbx_R_Free_selection_details            RANDOM 
_refine.pdbx_overall_ESU_R                       0.125 
_refine.pdbx_overall_ESU_R_Free                  0.091 
_refine.overall_SU_ML                            0.065 
_refine.overall_SU_B                             4.341 
_refine.ls_redundancy_reflns_obs                 ? 
_refine.B_iso_min                                ? 
_refine.B_iso_max                                ? 
_refine.overall_SU_R_Cruickshank_DPI             ? 
_refine.overall_SU_R_free                        ? 
_refine.ls_wR_factor_R_free                      ? 
_refine.ls_wR_factor_R_work                      ? 
_refine.overall_FOM_free_R_set                   ? 
_refine.overall_FOM_work_R_set                   ? 
_refine.pdbx_refine_id                           'X-RAY DIFFRACTION' 
_refine.pdbx_diffrn_id                           1 
_refine.pdbx_TLS_residual_ADP_flag               ? 
_refine.pdbx_overall_phase_error                 ? 
_refine.pdbx_overall_SU_R_free_Cruickshank_DPI   ? 
_refine.pdbx_overall_SU_R_Blow_DPI               ? 
_refine.pdbx_overall_SU_R_free_Blow_DPI          ? 
# 
_refine_analyze.entry_id                        2PM1 
_refine_analyze.Luzzati_coordinate_error_obs    0.1831 
_refine_analyze.Luzzati_sigma_a_obs             ? 
_refine_analyze.Luzzati_d_res_low_obs           ? 
_refine_analyze.Luzzati_coordinate_error_free   ? 
_refine_analyze.Luzzati_sigma_a_free            ? 
_refine_analyze.Luzzati_d_res_low_free          ? 
_refine_analyze.number_disordered_residues      ? 
_refine_analyze.occupancy_sum_non_hydrogen      ? 
_refine_analyze.occupancy_sum_hydrogen          ? 
_refine_analyze.pdbx_Luzzati_d_res_high_obs     ? 
_refine_analyze.pdbx_refine_id                  'X-RAY DIFFRACTION' 
# 
_refine_hist.pdbx_refine_id                   'X-RAY DIFFRACTION' 
_refine_hist.cycle_id                         LAST 
_refine_hist.pdbx_number_atoms_protein        226 
_refine_hist.pdbx_number_atoms_nucleic_acid   0 
_refine_hist.pdbx_number_atoms_ligand         0 
_refine_hist.number_atoms_solvent             53 
_refine_hist.number_atoms_total               279 
_refine_hist.d_res_high                       1.60 
_refine_hist.d_res_low                        20.00 
# 
loop_
_refine_ls_restr.type 
_refine_ls_restr.dev_ideal 
_refine_ls_restr.dev_ideal_target 
_refine_ls_restr.weight 
_refine_ls_restr.number 
_refine_ls_restr.pdbx_refine_id 
_refine_ls_restr.pdbx_restraint_function 
r_bond_refined_d             0.019  0.022  ? 235 'X-RAY DIFFRACTION' ? 
r_bond_other_d               ?      ?      ? ?   'X-RAY DIFFRACTION' ? 
r_angle_refined_deg          1.959  1.980  ? 320 'X-RAY DIFFRACTION' ? 
r_angle_other_deg            ?      ?      ? ?   'X-RAY DIFFRACTION' ? 
r_dihedral_angle_1_deg       8.449  5.000  ? 29  'X-RAY DIFFRACTION' ? 
r_dihedral_angle_2_deg       12.376 21.250 ? 8   'X-RAY DIFFRACTION' ? 
r_dihedral_angle_3_deg       11.931 15.000 ? 27  'X-RAY DIFFRACTION' ? 
r_dihedral_angle_4_deg       7.623  15.000 ? 1   'X-RAY DIFFRACTION' ? 
r_chiral_restr               0.656  0.200  ? 32  'X-RAY DIFFRACTION' ? 
r_gen_planes_refined         0.010  0.020  ? 178 'X-RAY DIFFRACTION' ? 
r_gen_planes_other           ?      ?      ? ?   'X-RAY DIFFRACTION' ? 
r_nbd_refined                0.227  0.200  ? 97  'X-RAY DIFFRACTION' ? 
r_nbd_other                  ?      ?      ? ?   'X-RAY DIFFRACTION' ? 
r_nbtor_refined              0.307  0.200  ? 165 'X-RAY DIFFRACTION' ? 
r_nbtor_other                ?      ?      ? ?   'X-RAY DIFFRACTION' ? 
r_xyhbond_nbd_refined        0.242  0.200  ? 30  'X-RAY DIFFRACTION' ? 
r_xyhbond_nbd_other          ?      ?      ? ?   'X-RAY DIFFRACTION' ? 
r_metal_ion_refined          ?      ?      ? ?   'X-RAY DIFFRACTION' ? 
r_metal_ion_other            ?      ?      ? ?   'X-RAY DIFFRACTION' ? 
r_symmetry_vdw_refined       0.283  0.200  ? 23  'X-RAY DIFFRACTION' ? 
r_symmetry_vdw_other         ?      ?      ? ?   'X-RAY DIFFRACTION' ? 
r_symmetry_hbond_refined     0.378  0.200  ? 21  'X-RAY DIFFRACTION' ? 
r_symmetry_hbond_other       ?      ?      ? ?   'X-RAY DIFFRACTION' ? 
r_symmetry_metal_ion_refined ?      ?      ? ?   'X-RAY DIFFRACTION' ? 
r_symmetry_metal_ion_other   ?      ?      ? ?   'X-RAY DIFFRACTION' ? 
r_mcbond_it                  1.725  1.500  ? 152 'X-RAY DIFFRACTION' ? 
r_mcbond_other               ?      ?      ? ?   'X-RAY DIFFRACTION' ? 
r_mcangle_it                 2.686  2.000  ? 233 'X-RAY DIFFRACTION' ? 
r_scbond_it                  3.920  3.000  ? 104 'X-RAY DIFFRACTION' ? 
r_scangle_it                 4.149  4.500  ? 87  'X-RAY DIFFRACTION' ? 
r_rigid_bond_restr           3.464  3.000  ? 256 'X-RAY DIFFRACTION' ? 
r_sphericity_free            6.687  3.000  ? 53  'X-RAY DIFFRACTION' ? 
r_sphericity_bonded          4.295  3.000  ? 226 'X-RAY DIFFRACTION' ? 
# 
_refine_ls_shell.pdbx_total_number_of_bins_used   20 
_refine_ls_shell.d_res_high                       1.601 
_refine_ls_shell.d_res_low                        1.643 
_refine_ls_shell.number_reflns_R_work             258 
_refine_ls_shell.R_factor_R_work                  0.193 
_refine_ls_shell.percent_reflns_obs               98.91 
_refine_ls_shell.R_factor_R_free                  0.29 
_refine_ls_shell.R_factor_R_free_error            ? 
_refine_ls_shell.percent_reflns_R_free            ? 
_refine_ls_shell.number_reflns_R_free             15 
_refine_ls_shell.number_reflns_all                ? 
_refine_ls_shell.R_factor_all                     ? 
_refine_ls_shell.number_reflns_obs                ? 
_refine_ls_shell.redundancy_reflns_obs            ? 
_refine_ls_shell.pdbx_refine_id                   'X-RAY DIFFRACTION' 
# 
_struct.entry_id                  2PM1 
_struct.title                     'Derivative of human alpha-defensin 1 (HNP1)' 
_struct.pdbx_model_details        ? 
_struct.pdbx_CASP_flag            ? 
_struct.pdbx_model_type_details   ? 
# 
_struct_keywords.entry_id        2PM1 
_struct_keywords.pdbx_keywords   'ANTIMICROBIAL PROTEIN' 
_struct_keywords.text            'antimicrobial, defensin derivative, ANTIMICROBIAL PROTEIN' 
# 
loop_
_struct_asym.id 
_struct_asym.pdbx_blank_PDB_chainid_flag 
_struct_asym.pdbx_modified 
_struct_asym.entity_id 
_struct_asym.details 
A N N 1 ? 
B N N 2 ? 
# 
_struct_ref.id                         1 
_struct_ref.db_name                    UNP 
_struct_ref.db_code                    DEF1_HUMAN 
_struct_ref.pdbx_db_accession          P59665 
_struct_ref.entity_id                  1 
_struct_ref.pdbx_seq_one_letter_code   ACYCRIPACIAGERRYGTCIYQGRLWAFCC 
_struct_ref.pdbx_align_begin           65 
_struct_ref.pdbx_db_isoform            ? 
# 
_struct_ref_seq.align_id                      1 
_struct_ref_seq.ref_id                        1 
_struct_ref_seq.pdbx_PDB_id_code              2PM1 
_struct_ref_seq.pdbx_strand_id                A 
_struct_ref_seq.seq_align_beg                 1 
_struct_ref_seq.pdbx_seq_align_beg_ins_code   ? 
_struct_ref_seq.seq_align_end                 30 
_struct_ref_seq.pdbx_seq_align_end_ins_code   ? 
_struct_ref_seq.pdbx_db_accession             P59665 
_struct_ref_seq.db_align_beg                  65 
_struct_ref_seq.pdbx_db_align_beg_ins_code    ? 
_struct_ref_seq.db_align_end                  94 
_struct_ref_seq.pdbx_db_align_end_ins_code    ? 
_struct_ref_seq.pdbx_auth_seq_align_beg       1 
_struct_ref_seq.pdbx_auth_seq_align_end       30 
# 
loop_
_struct_ref_seq_dif.align_id 
_struct_ref_seq_dif.pdbx_pdb_id_code 
_struct_ref_seq_dif.mon_id 
_struct_ref_seq_dif.pdbx_pdb_strand_id 
_struct_ref_seq_dif.seq_num 
_struct_ref_seq_dif.pdbx_pdb_ins_code 
_struct_ref_seq_dif.pdbx_seq_db_name 
_struct_ref_seq_dif.pdbx_seq_db_accession_code 
_struct_ref_seq_dif.db_mon_id 
_struct_ref_seq_dif.pdbx_seq_db_seq_num 
_struct_ref_seq_dif.details 
_struct_ref_seq_dif.pdbx_auth_seq_num 
_struct_ref_seq_dif.pdbx_ordinal 
1 2PM1 DAB A 14 ? UNP P59665 ARG 78 'engineered mutation' 14 1 
1 2PM1 DAB A 15 ? UNP P59665 ARG 79 'engineered mutation' 15 2 
1 2PM1 DAB A 24 ? UNP P59665 ARG 88 'engineered mutation' 24 3 
# 
_pdbx_struct_assembly.id                   1 
_pdbx_struct_assembly.details              author_defined_assembly 
_pdbx_struct_assembly.method_details       ? 
_pdbx_struct_assembly.oligomeric_details   monomeric 
_pdbx_struct_assembly.oligomeric_count     1 
# 
_pdbx_struct_assembly_gen.assembly_id       1 
_pdbx_struct_assembly_gen.oper_expression   1 
_pdbx_struct_assembly_gen.asym_id_list      A,B 
# 
_pdbx_struct_oper_list.id                   1 
_pdbx_struct_oper_list.type                 'identity operation' 
_pdbx_struct_oper_list.name                 1_555 
_pdbx_struct_oper_list.symmetry_operation   x,y,z 
_pdbx_struct_oper_list.matrix[1][1]         1.0000000000 
_pdbx_struct_oper_list.matrix[1][2]         0.0000000000 
_pdbx_struct_oper_list.matrix[1][3]         0.0000000000 
_pdbx_struct_oper_list.vector[1]            0.0000000000 
_pdbx_struct_oper_list.matrix[2][1]         0.0000000000 
_pdbx_struct_oper_list.matrix[2][2]         1.0000000000 
_pdbx_struct_oper_list.matrix[2][3]         0.0000000000 
_pdbx_struct_oper_list.vector[2]            0.0000000000 
_pdbx_struct_oper_list.matrix[3][1]         0.0000000000 
_pdbx_struct_oper_list.matrix[3][2]         0.0000000000 
_pdbx_struct_oper_list.matrix[3][3]         1.0000000000 
_pdbx_struct_oper_list.vector[3]            0.0000000000 
# 
loop_
_struct_conn.id 
_struct_conn.conn_type_id 
_struct_conn.pdbx_leaving_atom_flag 
_struct_conn.pdbx_PDB_id 
_struct_conn.ptnr1_label_asym_id 
_struct_conn.ptnr1_label_comp_id 
_struct_conn.ptnr1_label_seq_id 
_struct_conn.ptnr1_label_atom_id 
_struct_conn.pdbx_ptnr1_label_alt_id 
_struct_conn.pdbx_ptnr1_PDB_ins_code 
_struct_conn.pdbx_ptnr1_standard_comp_id 
_struct_conn.ptnr1_symmetry 
_struct_conn.ptnr2_label_asym_id 
_struct_conn.ptnr2_label_comp_id 
_struct_conn.ptnr2_label_seq_id 
_struct_conn.ptnr2_label_atom_id 
_struct_conn.pdbx_ptnr2_label_alt_id 
_struct_conn.pdbx_ptnr2_PDB_ins_code 
_struct_conn.ptnr1_auth_asym_id 
_struct_conn.ptnr1_auth_comp_id 
_struct_conn.ptnr1_auth_seq_id 
_struct_conn.ptnr2_auth_asym_id 
_struct_conn.ptnr2_auth_comp_id 
_struct_conn.ptnr2_auth_seq_id 
_struct_conn.ptnr2_symmetry 
_struct_conn.pdbx_ptnr3_label_atom_id 
_struct_conn.pdbx_ptnr3_label_seq_id 
_struct_conn.pdbx_ptnr3_label_comp_id 
_struct_conn.pdbx_ptnr3_label_asym_id 
_struct_conn.pdbx_ptnr3_label_alt_id 
_struct_conn.pdbx_ptnr3_PDB_ins_code 
_struct_conn.details 
_struct_conn.pdbx_dist_value 
_struct_conn.pdbx_value_order 
_struct_conn.pdbx_role 
disulf1 disulf ?    ? A CYS 2  SG ? ? ? 1_555 A CYS 30 SG ? ? A CYS 2  A CYS 30 1_555 ? ? ? ? ? ? ? 2.065 ? ? 
disulf2 disulf ?    ? A CYS 4  SG ? ? ? 1_555 A CYS 19 SG ? ? A CYS 4  A CYS 19 1_555 ? ? ? ? ? ? ? 2.053 ? ? 
disulf3 disulf ?    ? A CYS 9  SG ? ? ? 1_555 A CYS 29 SG ? ? A CYS 9  A CYS 29 1_555 ? ? ? ? ? ? ? 2.014 ? ? 
covale1 covale both ? A GLU 13 C  ? ? ? 1_555 A DAB 14 N  ? ? A GLU 13 A DAB 14 1_555 ? ? ? ? ? ? ? 1.337 ? ? 
covale2 covale both ? A DAB 14 C  ? ? ? 1_555 A DAB 15 N  ? ? A DAB 14 A DAB 15 1_555 ? ? ? ? ? ? ? 1.324 ? ? 
covale3 covale both ? A DAB 15 C  ? ? ? 1_555 A TYR 16 N  ? ? A DAB 15 A TYR 16 1_555 ? ? ? ? ? ? ? 1.320 ? ? 
covale4 covale both ? A GLY 23 C  ? ? ? 1_555 A DAB 24 N  ? ? A GLY 23 A DAB 24 1_555 ? ? ? ? ? ? ? 1.324 ? ? 
covale5 covale both ? A DAB 24 C  ? ? ? 1_555 A LEU 25 N  ? ? A DAB 24 A LEU 25 1_555 ? ? ? ? ? ? ? 1.324 ? ? 
# 
loop_
_struct_conn_type.id 
_struct_conn_type.criteria 
_struct_conn_type.reference 
disulf ? ? 
covale ? ? 
# 
loop_
_pdbx_modification_feature.ordinal 
_pdbx_modification_feature.label_comp_id 
_pdbx_modification_feature.label_asym_id 
_pdbx_modification_feature.label_seq_id 
_pdbx_modification_feature.label_alt_id 
_pdbx_modification_feature.modified_residue_label_comp_id 
_pdbx_modification_feature.modified_residue_label_asym_id 
_pdbx_modification_feature.modified_residue_label_seq_id 
_pdbx_modification_feature.modified_residue_label_alt_id 
_pdbx_modification_feature.auth_comp_id 
_pdbx_modification_feature.auth_asym_id 
_pdbx_modification_feature.auth_seq_id 
_pdbx_modification_feature.PDB_ins_code 
_pdbx_modification_feature.symmetry 
_pdbx_modification_feature.modified_residue_auth_comp_id 
_pdbx_modification_feature.modified_residue_auth_asym_id 
_pdbx_modification_feature.modified_residue_auth_seq_id 
_pdbx_modification_feature.modified_residue_PDB_ins_code 
_pdbx_modification_feature.modified_residue_symmetry 
_pdbx_modification_feature.comp_id_linking_atom 
_pdbx_modification_feature.modified_residue_id_linking_atom 
_pdbx_modification_feature.modified_residue_id 
_pdbx_modification_feature.ref_pcm_id 
_pdbx_modification_feature.ref_comp_id 
_pdbx_modification_feature.type 
_pdbx_modification_feature.category 
1 DAB A 14 ? .   . .  . DAB A 14 ? 1_555 .   . .  . .     .  .  ALA 1 DAB None 'Non-standard residue' 
2 DAB A 15 ? .   . .  . DAB A 15 ? 1_555 .   . .  . .     .  .  ALA 1 DAB None 'Non-standard residue' 
3 DAB A 24 ? .   . .  . DAB A 24 ? 1_555 .   . .  . .     .  .  ALA 1 DAB None 'Non-standard residue' 
4 CYS A 2  ? CYS A 30 ? CYS A 2  ? 1_555 CYS A 30 ? 1_555 SG SG .   . .   None 'Disulfide bridge'     
5 CYS A 4  ? CYS A 19 ? CYS A 4  ? 1_555 CYS A 19 ? 1_555 SG SG .   . .   None 'Disulfide bridge'     
6 CYS A 9  ? CYS A 29 ? CYS A 9  ? 1_555 CYS A 29 ? 1_555 SG SG .   . .   None 'Disulfide bridge'     
# 
_struct_mon_prot_cis.pdbx_id                1 
_struct_mon_prot_cis.label_comp_id          ILE 
_struct_mon_prot_cis.label_seq_id           6 
_struct_mon_prot_cis.label_asym_id          A 
_struct_mon_prot_cis.label_alt_id           . 
_struct_mon_prot_cis.pdbx_PDB_ins_code      ? 
_struct_mon_prot_cis.auth_comp_id           ILE 
_struct_mon_prot_cis.auth_seq_id            6 
_struct_mon_prot_cis.auth_asym_id           A 
_struct_mon_prot_cis.pdbx_label_comp_id_2   PRO 
_struct_mon_prot_cis.pdbx_label_seq_id_2    7 
_struct_mon_prot_cis.pdbx_label_asym_id_2   A 
_struct_mon_prot_cis.pdbx_PDB_ins_code_2    ? 
_struct_mon_prot_cis.pdbx_auth_comp_id_2    PRO 
_struct_mon_prot_cis.pdbx_auth_seq_id_2     7 
_struct_mon_prot_cis.pdbx_auth_asym_id_2    A 
_struct_mon_prot_cis.pdbx_PDB_model_num     1 
_struct_mon_prot_cis.pdbx_omega_angle       7.41 
# 
_struct_sheet.id               A 
_struct_sheet.type             ? 
_struct_sheet.number_strands   3 
_struct_sheet.details          ? 
# 
loop_
_struct_sheet_order.sheet_id 
_struct_sheet_order.range_id_1 
_struct_sheet_order.range_id_2 
_struct_sheet_order.offset 
_struct_sheet_order.sense 
A 1 2 ? anti-parallel 
A 2 3 ? anti-parallel 
# 
loop_
_struct_sheet_range.sheet_id 
_struct_sheet_range.id 
_struct_sheet_range.beg_label_comp_id 
_struct_sheet_range.beg_label_asym_id 
_struct_sheet_range.beg_label_seq_id 
_struct_sheet_range.pdbx_beg_PDB_ins_code 
_struct_sheet_range.end_label_comp_id 
_struct_sheet_range.end_label_asym_id 
_struct_sheet_range.end_label_seq_id 
_struct_sheet_range.pdbx_end_PDB_ins_code 
_struct_sheet_range.beg_auth_comp_id 
_struct_sheet_range.beg_auth_asym_id 
_struct_sheet_range.beg_auth_seq_id 
_struct_sheet_range.end_auth_comp_id 
_struct_sheet_range.end_auth_asym_id 
_struct_sheet_range.end_auth_seq_id 
A 1 TYR A 3  ? ARG A 5  ? TYR A 3  ARG A 5  
A 2 DAB A 24 ? CYS A 30 ? DAB A 24 CYS A 30 
A 3 DAB A 14 ? TYR A 21 ? DAB A 14 TYR A 21 
# 
loop_
_pdbx_struct_sheet_hbond.sheet_id 
_pdbx_struct_sheet_hbond.range_id_1 
_pdbx_struct_sheet_hbond.range_id_2 
_pdbx_struct_sheet_hbond.range_1_label_atom_id 
_pdbx_struct_sheet_hbond.range_1_label_comp_id 
_pdbx_struct_sheet_hbond.range_1_label_asym_id 
_pdbx_struct_sheet_hbond.range_1_label_seq_id 
_pdbx_struct_sheet_hbond.range_1_PDB_ins_code 
_pdbx_struct_sheet_hbond.range_1_auth_atom_id 
_pdbx_struct_sheet_hbond.range_1_auth_comp_id 
_pdbx_struct_sheet_hbond.range_1_auth_asym_id 
_pdbx_struct_sheet_hbond.range_1_auth_seq_id 
_pdbx_struct_sheet_hbond.range_2_label_atom_id 
_pdbx_struct_sheet_hbond.range_2_label_comp_id 
_pdbx_struct_sheet_hbond.range_2_label_asym_id 
_pdbx_struct_sheet_hbond.range_2_label_seq_id 
_pdbx_struct_sheet_hbond.range_2_PDB_ins_code 
_pdbx_struct_sheet_hbond.range_2_auth_atom_id 
_pdbx_struct_sheet_hbond.range_2_auth_comp_id 
_pdbx_struct_sheet_hbond.range_2_auth_asym_id 
_pdbx_struct_sheet_hbond.range_2_auth_seq_id 
A 1 2 N ARG A 5  ? N ARG A 5  O ALA A 27 ? O ALA A 27 
A 2 3 O CYS A 30 ? O CYS A 30 N DAB A 14 ? N DAB A 14 
# 
_pdbx_entry_details.entry_id                   2PM1 
_pdbx_entry_details.compound_details           ? 
_pdbx_entry_details.source_details             ? 
_pdbx_entry_details.nonpolymer_details         ? 
_pdbx_entry_details.sequence_details           ? 
_pdbx_entry_details.has_ligand_of_interest     ? 
_pdbx_entry_details.has_protein_modification   Y 
# 
loop_
_pdbx_validate_close_contact.id 
_pdbx_validate_close_contact.PDB_model_num 
_pdbx_validate_close_contact.auth_atom_id_1 
_pdbx_validate_close_contact.auth_asym_id_1 
_pdbx_validate_close_contact.auth_comp_id_1 
_pdbx_validate_close_contact.auth_seq_id_1 
_pdbx_validate_close_contact.PDB_ins_code_1 
_pdbx_validate_close_contact.label_alt_id_1 
_pdbx_validate_close_contact.auth_atom_id_2 
_pdbx_validate_close_contact.auth_asym_id_2 
_pdbx_validate_close_contact.auth_comp_id_2 
_pdbx_validate_close_contact.auth_seq_id_2 
_pdbx_validate_close_contact.PDB_ins_code_2 
_pdbx_validate_close_contact.label_alt_id_2 
_pdbx_validate_close_contact.dist 
1 1 O A HOH 34 ? ? O A HOH 61 ? ? 1.95 
2 1 O A HOH 52 ? ? O A HOH 55 ? ? 2.13 
# 
loop_
_pdbx_validate_symm_contact.id 
_pdbx_validate_symm_contact.PDB_model_num 
_pdbx_validate_symm_contact.auth_atom_id_1 
_pdbx_validate_symm_contact.auth_asym_id_1 
_pdbx_validate_symm_contact.auth_comp_id_1 
_pdbx_validate_symm_contact.auth_seq_id_1 
_pdbx_validate_symm_contact.PDB_ins_code_1 
_pdbx_validate_symm_contact.label_alt_id_1 
_pdbx_validate_symm_contact.site_symmetry_1 
_pdbx_validate_symm_contact.auth_atom_id_2 
_pdbx_validate_symm_contact.auth_asym_id_2 
_pdbx_validate_symm_contact.auth_comp_id_2 
_pdbx_validate_symm_contact.auth_seq_id_2 
_pdbx_validate_symm_contact.PDB_ins_code_2 
_pdbx_validate_symm_contact.label_alt_id_2 
_pdbx_validate_symm_contact.site_symmetry_2 
_pdbx_validate_symm_contact.dist 
1 1 O A HOH 40 ? ? 1_555 O A HOH 82 ? ? 3_655 1.81 
2 1 O A HOH 44 ? ? 1_555 O A HOH 44 ? ? 6_555 1.83 
3 1 O A HOH 55 ? ? 1_555 O A HOH 66 ? ? 3_654 2.19 
# 
_pdbx_validate_chiral.id              1 
_pdbx_validate_chiral.PDB_model_num   1 
_pdbx_validate_chiral.auth_atom_id    CB 
_pdbx_validate_chiral.label_alt_id    ? 
_pdbx_validate_chiral.auth_asym_id    A 
_pdbx_validate_chiral.auth_comp_id    THR 
_pdbx_validate_chiral.auth_seq_id     18 
_pdbx_validate_chiral.PDB_ins_code    ? 
_pdbx_validate_chiral.details         'WRONG HAND' 
_pdbx_validate_chiral.omega           . 
# 
loop_
_pdbx_struct_mod_residue.id 
_pdbx_struct_mod_residue.label_asym_id 
_pdbx_struct_mod_residue.label_comp_id 
_pdbx_struct_mod_residue.label_seq_id 
_pdbx_struct_mod_residue.auth_asym_id 
_pdbx_struct_mod_residue.auth_comp_id 
_pdbx_struct_mod_residue.auth_seq_id 
_pdbx_struct_mod_residue.PDB_ins_code 
_pdbx_struct_mod_residue.parent_comp_id 
_pdbx_struct_mod_residue.details 
1 A DAB 14 A DAB 14 ? ALA '2,4-DIAMINOBUTYRIC ACID' 
2 A DAB 15 A DAB 15 ? ALA '2,4-DIAMINOBUTYRIC ACID' 
3 A DAB 24 A DAB 24 ? ALA '2,4-DIAMINOBUTYRIC ACID' 
# 
loop_
_chem_comp_atom.comp_id 
_chem_comp_atom.atom_id 
_chem_comp_atom.type_symbol 
_chem_comp_atom.pdbx_aromatic_flag 
_chem_comp_atom.pdbx_stereo_config 
_chem_comp_atom.pdbx_ordinal 
ALA N    N N N 1   
ALA CA   C N S 2   
ALA C    C N N 3   
ALA O    O N N 4   
ALA CB   C N N 5   
ALA OXT  O N N 6   
ALA H    H N N 7   
ALA H2   H N N 8   
ALA HA   H N N 9   
ALA HB1  H N N 10  
ALA HB2  H N N 11  
ALA HB3  H N N 12  
ALA HXT  H N N 13  
ARG N    N N N 14  
ARG CA   C N S 15  
ARG C    C N N 16  
ARG O    O N N 17  
ARG CB   C N N 18  
ARG CG   C N N 19  
ARG CD   C N N 20  
ARG NE   N N N 21  
ARG CZ   C N N 22  
ARG NH1  N N N 23  
ARG NH2  N N N 24  
ARG OXT  O N N 25  
ARG H    H N N 26  
ARG H2   H N N 27  
ARG HA   H N N 28  
ARG HB2  H N N 29  
ARG HB3  H N N 30  
ARG HG2  H N N 31  
ARG HG3  H N N 32  
ARG HD2  H N N 33  
ARG HD3  H N N 34  
ARG HE   H N N 35  
ARG HH11 H N N 36  
ARG HH12 H N N 37  
ARG HH21 H N N 38  
ARG HH22 H N N 39  
ARG HXT  H N N 40  
CYS N    N N N 41  
CYS CA   C N R 42  
CYS C    C N N 43  
CYS O    O N N 44  
CYS CB   C N N 45  
CYS SG   S N N 46  
CYS OXT  O N N 47  
CYS H    H N N 48  
CYS H2   H N N 49  
CYS HA   H N N 50  
CYS HB2  H N N 51  
CYS HB3  H N N 52  
CYS HG   H N N 53  
CYS HXT  H N N 54  
DAB N    N N N 55  
DAB CA   C N S 56  
DAB C    C N N 57  
DAB O    O N N 58  
DAB CB   C N N 59  
DAB CG   C N N 60  
DAB ND   N N N 61  
DAB OXT  O N N 62  
DAB H    H N N 63  
DAB H2   H N N 64  
DAB HA   H N N 65  
DAB HB2  H N N 66  
DAB HB3  H N N 67  
DAB HG2  H N N 68  
DAB HG3  H N N 69  
DAB HD1  H N N 70  
DAB HD2  H N N 71  
DAB HXT  H N N 72  
GLN N    N N N 73  
GLN CA   C N S 74  
GLN C    C N N 75  
GLN O    O N N 76  
GLN CB   C N N 77  
GLN CG   C N N 78  
GLN CD   C N N 79  
GLN OE1  O N N 80  
GLN NE2  N N N 81  
GLN OXT  O N N 82  
GLN H    H N N 83  
GLN H2   H N N 84  
GLN HA   H N N 85  
GLN HB2  H N N 86  
GLN HB3  H N N 87  
GLN HG2  H N N 88  
GLN HG3  H N N 89  
GLN HE21 H N N 90  
GLN HE22 H N N 91  
GLN HXT  H N N 92  
GLU N    N N N 93  
GLU CA   C N S 94  
GLU C    C N N 95  
GLU O    O N N 96  
GLU CB   C N N 97  
GLU CG   C N N 98  
GLU CD   C N N 99  
GLU OE1  O N N 100 
GLU OE2  O N N 101 
GLU OXT  O N N 102 
GLU H    H N N 103 
GLU H2   H N N 104 
GLU HA   H N N 105 
GLU HB2  H N N 106 
GLU HB3  H N N 107 
GLU HG2  H N N 108 
GLU HG3  H N N 109 
GLU HE2  H N N 110 
GLU HXT  H N N 111 
GLY N    N N N 112 
GLY CA   C N N 113 
GLY C    C N N 114 
GLY O    O N N 115 
GLY OXT  O N N 116 
GLY H    H N N 117 
GLY H2   H N N 118 
GLY HA2  H N N 119 
GLY HA3  H N N 120 
GLY HXT  H N N 121 
HOH O    O N N 122 
HOH H1   H N N 123 
HOH H2   H N N 124 
ILE N    N N N 125 
ILE CA   C N S 126 
ILE C    C N N 127 
ILE O    O N N 128 
ILE CB   C N S 129 
ILE CG1  C N N 130 
ILE CG2  C N N 131 
ILE CD1  C N N 132 
ILE OXT  O N N 133 
ILE H    H N N 134 
ILE H2   H N N 135 
ILE HA   H N N 136 
ILE HB   H N N 137 
ILE HG12 H N N 138 
ILE HG13 H N N 139 
ILE HG21 H N N 140 
ILE HG22 H N N 141 
ILE HG23 H N N 142 
ILE HD11 H N N 143 
ILE HD12 H N N 144 
ILE HD13 H N N 145 
ILE HXT  H N N 146 
LEU N    N N N 147 
LEU CA   C N S 148 
LEU C    C N N 149 
LEU O    O N N 150 
LEU CB   C N N 151 
LEU CG   C N N 152 
LEU CD1  C N N 153 
LEU CD2  C N N 154 
LEU OXT  O N N 155 
LEU H    H N N 156 
LEU H2   H N N 157 
LEU HA   H N N 158 
LEU HB2  H N N 159 
LEU HB3  H N N 160 
LEU HG   H N N 161 
LEU HD11 H N N 162 
LEU HD12 H N N 163 
LEU HD13 H N N 164 
LEU HD21 H N N 165 
LEU HD22 H N N 166 
LEU HD23 H N N 167 
LEU HXT  H N N 168 
PHE N    N N N 169 
PHE CA   C N S 170 
PHE C    C N N 171 
PHE O    O N N 172 
PHE CB   C N N 173 
PHE CG   C Y N 174 
PHE CD1  C Y N 175 
PHE CD2  C Y N 176 
PHE CE1  C Y N 177 
PHE CE2  C Y N 178 
PHE CZ   C Y N 179 
PHE OXT  O N N 180 
PHE H    H N N 181 
PHE H2   H N N 182 
PHE HA   H N N 183 
PHE HB2  H N N 184 
PHE HB3  H N N 185 
PHE HD1  H N N 186 
PHE HD2  H N N 187 
PHE HE1  H N N 188 
PHE HE2  H N N 189 
PHE HZ   H N N 190 
PHE HXT  H N N 191 
PRO N    N N N 192 
PRO CA   C N S 193 
PRO C    C N N 194 
PRO O    O N N 195 
PRO CB   C N N 196 
PRO CG   C N N 197 
PRO CD   C N N 198 
PRO OXT  O N N 199 
PRO H    H N N 200 
PRO HA   H N N 201 
PRO HB2  H N N 202 
PRO HB3  H N N 203 
PRO HG2  H N N 204 
PRO HG3  H N N 205 
PRO HD2  H N N 206 
PRO HD3  H N N 207 
PRO HXT  H N N 208 
THR N    N N N 209 
THR CA   C N S 210 
THR C    C N N 211 
THR O    O N N 212 
THR CB   C N R 213 
THR OG1  O N N 214 
THR CG2  C N N 215 
THR OXT  O N N 216 
THR H    H N N 217 
THR H2   H N N 218 
THR HA   H N N 219 
THR HB   H N N 220 
THR HG1  H N N 221 
THR HG21 H N N 222 
THR HG22 H N N 223 
THR HG23 H N N 224 
THR HXT  H N N 225 
TRP N    N N N 226 
TRP CA   C N S 227 
TRP C    C N N 228 
TRP O    O N N 229 
TRP CB   C N N 230 
TRP CG   C Y N 231 
TRP CD1  C Y N 232 
TRP CD2  C Y N 233 
TRP NE1  N Y N 234 
TRP CE2  C Y N 235 
TRP CE3  C Y N 236 
TRP CZ2  C Y N 237 
TRP CZ3  C Y N 238 
TRP CH2  C Y N 239 
TRP OXT  O N N 240 
TRP H    H N N 241 
TRP H2   H N N 242 
TRP HA   H N N 243 
TRP HB2  H N N 244 
TRP HB3  H N N 245 
TRP HD1  H N N 246 
TRP HE1  H N N 247 
TRP HE3  H N N 248 
TRP HZ2  H N N 249 
TRP HZ3  H N N 250 
TRP HH2  H N N 251 
TRP HXT  H N N 252 
TYR N    N N N 253 
TYR CA   C N S 254 
TYR C    C N N 255 
TYR O    O N N 256 
TYR CB   C N N 257 
TYR CG   C Y N 258 
TYR CD1  C Y N 259 
TYR CD2  C Y N 260 
TYR CE1  C Y N 261 
TYR CE2  C Y N 262 
TYR CZ   C Y N 263 
TYR OH   O N N 264 
TYR OXT  O N N 265 
TYR H    H N N 266 
TYR H2   H N N 267 
TYR HA   H N N 268 
TYR HB2  H N N 269 
TYR HB3  H N N 270 
TYR HD1  H N N 271 
TYR HD2  H N N 272 
TYR HE1  H N N 273 
TYR HE2  H N N 274 
TYR HH   H N N 275 
TYR HXT  H N N 276 
# 
loop_
_chem_comp_bond.comp_id 
_chem_comp_bond.atom_id_1 
_chem_comp_bond.atom_id_2 
_chem_comp_bond.value_order 
_chem_comp_bond.pdbx_aromatic_flag 
_chem_comp_bond.pdbx_stereo_config 
_chem_comp_bond.pdbx_ordinal 
ALA N   CA   sing N N 1   
ALA N   H    sing N N 2   
ALA N   H2   sing N N 3   
ALA CA  C    sing N N 4   
ALA CA  CB   sing N N 5   
ALA CA  HA   sing N N 6   
ALA C   O    doub N N 7   
ALA C   OXT  sing N N 8   
ALA CB  HB1  sing N N 9   
ALA CB  HB2  sing N N 10  
ALA CB  HB3  sing N N 11  
ALA OXT HXT  sing N N 12  
ARG N   CA   sing N N 13  
ARG N   H    sing N N 14  
ARG N   H2   sing N N 15  
ARG CA  C    sing N N 16  
ARG CA  CB   sing N N 17  
ARG CA  HA   sing N N 18  
ARG C   O    doub N N 19  
ARG C   OXT  sing N N 20  
ARG CB  CG   sing N N 21  
ARG CB  HB2  sing N N 22  
ARG CB  HB3  sing N N 23  
ARG CG  CD   sing N N 24  
ARG CG  HG2  sing N N 25  
ARG CG  HG3  sing N N 26  
ARG CD  NE   sing N N 27  
ARG CD  HD2  sing N N 28  
ARG CD  HD3  sing N N 29  
ARG NE  CZ   sing N N 30  
ARG NE  HE   sing N N 31  
ARG CZ  NH1  sing N N 32  
ARG CZ  NH2  doub N N 33  
ARG NH1 HH11 sing N N 34  
ARG NH1 HH12 sing N N 35  
ARG NH2 HH21 sing N N 36  
ARG NH2 HH22 sing N N 37  
ARG OXT HXT  sing N N 38  
CYS N   CA   sing N N 39  
CYS N   H    sing N N 40  
CYS N   H2   sing N N 41  
CYS CA  C    sing N N 42  
CYS CA  CB   sing N N 43  
CYS CA  HA   sing N N 44  
CYS C   O    doub N N 45  
CYS C   OXT  sing N N 46  
CYS CB  SG   sing N N 47  
CYS CB  HB2  sing N N 48  
CYS CB  HB3  sing N N 49  
CYS SG  HG   sing N N 50  
CYS OXT HXT  sing N N 51  
DAB N   CA   sing N N 52  
DAB N   H    sing N N 53  
DAB N   H2   sing N N 54  
DAB CA  C    sing N N 55  
DAB CA  CB   sing N N 56  
DAB CA  HA   sing N N 57  
DAB C   O    doub N N 58  
DAB C   OXT  sing N N 59  
DAB CB  CG   sing N N 60  
DAB CB  HB2  sing N N 61  
DAB CB  HB3  sing N N 62  
DAB CG  ND   sing N N 63  
DAB CG  HG2  sing N N 64  
DAB CG  HG3  sing N N 65  
DAB ND  HD1  sing N N 66  
DAB ND  HD2  sing N N 67  
DAB OXT HXT  sing N N 68  
GLN N   CA   sing N N 69  
GLN N   H    sing N N 70  
GLN N   H2   sing N N 71  
GLN CA  C    sing N N 72  
GLN CA  CB   sing N N 73  
GLN CA  HA   sing N N 74  
GLN C   O    doub N N 75  
GLN C   OXT  sing N N 76  
GLN CB  CG   sing N N 77  
GLN CB  HB2  sing N N 78  
GLN CB  HB3  sing N N 79  
GLN CG  CD   sing N N 80  
GLN CG  HG2  sing N N 81  
GLN CG  HG3  sing N N 82  
GLN CD  OE1  doub N N 83  
GLN CD  NE2  sing N N 84  
GLN NE2 HE21 sing N N 85  
GLN NE2 HE22 sing N N 86  
GLN OXT HXT  sing N N 87  
GLU N   CA   sing N N 88  
GLU N   H    sing N N 89  
GLU N   H2   sing N N 90  
GLU CA  C    sing N N 91  
GLU CA  CB   sing N N 92  
GLU CA  HA   sing N N 93  
GLU C   O    doub N N 94  
GLU C   OXT  sing N N 95  
GLU CB  CG   sing N N 96  
GLU CB  HB2  sing N N 97  
GLU CB  HB3  sing N N 98  
GLU CG  CD   sing N N 99  
GLU CG  HG2  sing N N 100 
GLU CG  HG3  sing N N 101 
GLU CD  OE1  doub N N 102 
GLU CD  OE2  sing N N 103 
GLU OE2 HE2  sing N N 104 
GLU OXT HXT  sing N N 105 
GLY N   CA   sing N N 106 
GLY N   H    sing N N 107 
GLY N   H2   sing N N 108 
GLY CA  C    sing N N 109 
GLY CA  HA2  sing N N 110 
GLY CA  HA3  sing N N 111 
GLY C   O    doub N N 112 
GLY C   OXT  sing N N 113 
GLY OXT HXT  sing N N 114 
HOH O   H1   sing N N 115 
HOH O   H2   sing N N 116 
ILE N   CA   sing N N 117 
ILE N   H    sing N N 118 
ILE N   H2   sing N N 119 
ILE CA  C    sing N N 120 
ILE CA  CB   sing N N 121 
ILE CA  HA   sing N N 122 
ILE C   O    doub N N 123 
ILE C   OXT  sing N N 124 
ILE CB  CG1  sing N N 125 
ILE CB  CG2  sing N N 126 
ILE CB  HB   sing N N 127 
ILE CG1 CD1  sing N N 128 
ILE CG1 HG12 sing N N 129 
ILE CG1 HG13 sing N N 130 
ILE CG2 HG21 sing N N 131 
ILE CG2 HG22 sing N N 132 
ILE CG2 HG23 sing N N 133 
ILE CD1 HD11 sing N N 134 
ILE CD1 HD12 sing N N 135 
ILE CD1 HD13 sing N N 136 
ILE OXT HXT  sing N N 137 
LEU N   CA   sing N N 138 
LEU N   H    sing N N 139 
LEU N   H2   sing N N 140 
LEU CA  C    sing N N 141 
LEU CA  CB   sing N N 142 
LEU CA  HA   sing N N 143 
LEU C   O    doub N N 144 
LEU C   OXT  sing N N 145 
LEU CB  CG   sing N N 146 
LEU CB  HB2  sing N N 147 
LEU CB  HB3  sing N N 148 
LEU CG  CD1  sing N N 149 
LEU CG  CD2  sing N N 150 
LEU CG  HG   sing N N 151 
LEU CD1 HD11 sing N N 152 
LEU CD1 HD12 sing N N 153 
LEU CD1 HD13 sing N N 154 
LEU CD2 HD21 sing N N 155 
LEU CD2 HD22 sing N N 156 
LEU CD2 HD23 sing N N 157 
LEU OXT HXT  sing N N 158 
PHE N   CA   sing N N 159 
PHE N   H    sing N N 160 
PHE N   H2   sing N N 161 
PHE CA  C    sing N N 162 
PHE CA  CB   sing N N 163 
PHE CA  HA   sing N N 164 
PHE C   O    doub N N 165 
PHE C   OXT  sing N N 166 
PHE CB  CG   sing N N 167 
PHE CB  HB2  sing N N 168 
PHE CB  HB3  sing N N 169 
PHE CG  CD1  doub Y N 170 
PHE CG  CD2  sing Y N 171 
PHE CD1 CE1  sing Y N 172 
PHE CD1 HD1  sing N N 173 
PHE CD2 CE2  doub Y N 174 
PHE CD2 HD2  sing N N 175 
PHE CE1 CZ   doub Y N 176 
PHE CE1 HE1  sing N N 177 
PHE CE2 CZ   sing Y N 178 
PHE CE2 HE2  sing N N 179 
PHE CZ  HZ   sing N N 180 
PHE OXT HXT  sing N N 181 
PRO N   CA   sing N N 182 
PRO N   CD   sing N N 183 
PRO N   H    sing N N 184 
PRO CA  C    sing N N 185 
PRO CA  CB   sing N N 186 
PRO CA  HA   sing N N 187 
PRO C   O    doub N N 188 
PRO C   OXT  sing N N 189 
PRO CB  CG   sing N N 190 
PRO CB  HB2  sing N N 191 
PRO CB  HB3  sing N N 192 
PRO CG  CD   sing N N 193 
PRO CG  HG2  sing N N 194 
PRO CG  HG3  sing N N 195 
PRO CD  HD2  sing N N 196 
PRO CD  HD3  sing N N 197 
PRO OXT HXT  sing N N 198 
THR N   CA   sing N N 199 
THR N   H    sing N N 200 
THR N   H2   sing N N 201 
THR CA  C    sing N N 202 
THR CA  CB   sing N N 203 
THR CA  HA   sing N N 204 
THR C   O    doub N N 205 
THR C   OXT  sing N N 206 
THR CB  OG1  sing N N 207 
THR CB  CG2  sing N N 208 
THR CB  HB   sing N N 209 
THR OG1 HG1  sing N N 210 
THR CG2 HG21 sing N N 211 
THR CG2 HG22 sing N N 212 
THR CG2 HG23 sing N N 213 
THR OXT HXT  sing N N 214 
TRP N   CA   sing N N 215 
TRP N   H    sing N N 216 
TRP N   H2   sing N N 217 
TRP CA  C    sing N N 218 
TRP CA  CB   sing N N 219 
TRP CA  HA   sing N N 220 
TRP C   O    doub N N 221 
TRP C   OXT  sing N N 222 
TRP CB  CG   sing N N 223 
TRP CB  HB2  sing N N 224 
TRP CB  HB3  sing N N 225 
TRP CG  CD1  doub Y N 226 
TRP CG  CD2  sing Y N 227 
TRP CD1 NE1  sing Y N 228 
TRP CD1 HD1  sing N N 229 
TRP CD2 CE2  doub Y N 230 
TRP CD2 CE3  sing Y N 231 
TRP NE1 CE2  sing Y N 232 
TRP NE1 HE1  sing N N 233 
TRP CE2 CZ2  sing Y N 234 
TRP CE3 CZ3  doub Y N 235 
TRP CE3 HE3  sing N N 236 
TRP CZ2 CH2  doub Y N 237 
TRP CZ2 HZ2  sing N N 238 
TRP CZ3 CH2  sing Y N 239 
TRP CZ3 HZ3  sing N N 240 
TRP CH2 HH2  sing N N 241 
TRP OXT HXT  sing N N 242 
TYR N   CA   sing N N 243 
TYR N   H    sing N N 244 
TYR N   H2   sing N N 245 
TYR CA  C    sing N N 246 
TYR CA  CB   sing N N 247 
TYR CA  HA   sing N N 248 
TYR C   O    doub N N 249 
TYR C   OXT  sing N N 250 
TYR CB  CG   sing N N 251 
TYR CB  HB2  sing N N 252 
TYR CB  HB3  sing N N 253 
TYR CG  CD1  doub Y N 254 
TYR CG  CD2  sing Y N 255 
TYR CD1 CE1  sing Y N 256 
TYR CD1 HD1  sing N N 257 
TYR CD2 CE2  doub Y N 258 
TYR CD2 HD2  sing N N 259 
TYR CE1 CZ   doub Y N 260 
TYR CE1 HE1  sing N N 261 
TYR CE2 CZ   sing Y N 262 
TYR CE2 HE2  sing N N 263 
TYR CZ  OH   sing N N 264 
TYR OH  HH   sing N N 265 
TYR OXT HXT  sing N N 266 
# 
_pdbx_initial_refinement_model.id               1 
_pdbx_initial_refinement_model.entity_id_list   ? 
_pdbx_initial_refinement_model.type             'experimental model' 
_pdbx_initial_refinement_model.source_name      PDB 
_pdbx_initial_refinement_model.accession_code   1DFN 
_pdbx_initial_refinement_model.details          ? 
# 
_atom_sites.entry_id                    2PM1 
_atom_sites.fract_transf_matrix[1][1]   -0.00330338 
_atom_sites.fract_transf_matrix[1][2]   0.02144398 
_atom_sites.fract_transf_matrix[1][3]   -0.02035745 
_atom_sites.fract_transf_matrix[2][1]   -0.00853082 
_atom_sites.fract_transf_matrix[2][2]   0.02725221 
_atom_sites.fract_transf_matrix[2][3]   0.00835005 
_atom_sites.fract_transf_matrix[3][1]   0.03033248 
_atom_sites.fract_transf_matrix[3][2]   0.00831837 
_atom_sites.fract_transf_matrix[3][3]   0.00384033 
_atom_sites.fract_transf_vector[1]      0.204598 
_atom_sites.fract_transf_vector[2]      -0.326838 
_atom_sites.fract_transf_vector[3]      -0.004829 
# 
loop_
_atom_type.symbol 
C 
N 
O 
S 
# 
loop_
_atom_site.group_PDB 
_atom_site.id 
_atom_site.type_symbol 
_atom_site.label_atom_id 
_atom_site.label_alt_id 
_atom_site.label_comp_id 
_atom_site.label_asym_id 
_atom_site.label_entity_id 
_atom_site.label_seq_id 
_atom_site.pdbx_PDB_ins_code 
_atom_site.Cartn_x 
_atom_site.Cartn_y 
_atom_site.Cartn_z 
_atom_site.occupancy 
_atom_site.B_iso_or_equiv 
_atom_site.pdbx_formal_charge 
_atom_site.auth_seq_id 
_atom_site.auth_comp_id 
_atom_site.auth_asym_id 
_atom_site.auth_atom_id 
_atom_site.pdbx_PDB_model_num 
ATOM   1   N N   . ALA A 1 1  ? 5.851  11.008  -1.855  1.00 20.88  ? 1  ALA A N   1 
ATOM   2   C CA  . ALA A 1 1  ? 5.724  9.684   -2.558  1.00 18.42  ? 1  ALA A CA  1 
ATOM   3   C C   . ALA A 1 1  ? 4.715  8.776   -1.843  1.00 17.61  ? 1  ALA A C   1 
ATOM   4   O O   . ALA A 1 1  ? 4.519  8.871   -0.621  1.00 18.36  ? 1  ALA A O   1 
ATOM   5   C CB  . ALA A 1 1  ? 7.070  9.004   -2.670  1.00 20.07  ? 1  ALA A CB  1 
ATOM   6   N N   . CYS A 1 2  ? 4.046  7.941   -2.625  1.00 15.27  ? 2  CYS A N   1 
ATOM   7   C CA  . CYS A 1 2  ? 3.175  6.891   -2.081  1.00 14.74  ? 2  CYS A CA  1 
ATOM   8   C C   . CYS A 1 2  ? 3.695  5.558   -2.581  1.00 13.56  ? 2  CYS A C   1 
ATOM   9   O O   . CYS A 1 2  ? 4.576  5.511   -3.463  1.00 14.40  ? 2  CYS A O   1 
ATOM   10  C CB  . CYS A 1 2  ? 1.719  7.063   -2.546  1.00 15.05  ? 2  CYS A CB  1 
ATOM   11  S SG  . CYS A 1 2  ? 0.980  8.634   -1.971  1.00 19.10  ? 2  CYS A SG  1 
ATOM   12  N N   . TYR A 1 3  ? 3.153  4.473   -2.030  1.00 13.30  ? 3  TYR A N   1 
ATOM   13  C CA  . TYR A 1 3  ? 3.702  3.143   -2.292  1.00 13.27  ? 3  TYR A CA  1 
ATOM   14  C C   . TYR A 1 3  ? 2.618  2.105   -2.283  1.00 13.12  ? 3  TYR A C   1 
ATOM   15  O O   . TYR A 1 3  ? 1.612  2.267   -1.617  1.00 14.61  ? 3  TYR A O   1 
ATOM   16  C CB  . TYR A 1 3  ? 4.679  2.756   -1.144  1.00 14.95  ? 3  TYR A CB  1 
ATOM   17  C CG  . TYR A 1 3  ? 5.753  3.778   -0.930  1.00 13.87  ? 3  TYR A CG  1 
ATOM   18  C CD1 . TYR A 1 3  ? 6.929  3.688   -1.626  1.00 15.70  ? 3  TYR A CD1 1 
ATOM   19  C CD2 . TYR A 1 3  ? 5.573  4.831   -0.034  1.00 15.78  ? 3  TYR A CD2 1 
ATOM   20  C CE1 . TYR A 1 3  ? 7.934  4.615   -1.468  1.00 16.05  ? 3  TYR A CE1 1 
ATOM   21  C CE2 . TYR A 1 3  ? 6.534  5.791   0.133   1.00 16.06  ? 3  TYR A CE2 1 
ATOM   22  C CZ  . TYR A 1 3  ? 7.718  5.671   -0.596  1.00 16.67  ? 3  TYR A CZ  1 
ATOM   23  O OH  . TYR A 1 3  ? 8.672  6.606   -0.455  1.00 18.66  ? 3  TYR A OH  1 
ATOM   24  N N   . CYS A 1 4  ? 2.827  1.007   -2.990  1.00 12.63  ? 4  CYS A N   1 
ATOM   25  C CA  . CYS A 1 4  ? 1.990  -0.184  -2.823  1.00 12.55  ? 4  CYS A CA  1 
ATOM   26  C C   . CYS A 1 4  ? 2.811  -1.178  -1.972  1.00 13.01  ? 4  CYS A C   1 
ATOM   27  O O   . CYS A 1 4  ? 3.959  -1.522  -2.301  1.00 14.72  ? 4  CYS A O   1 
ATOM   28  C CB  . CYS A 1 4  ? 1.618  -0.837  -4.175  1.00 12.78  ? 4  CYS A CB  1 
ATOM   29  S SG  . CYS A 1 4  ? 0.675  0.268   -5.248  1.00 15.78  ? 4  CYS A SG  1 
ATOM   30  N N   . ARG A 1 5  ? 2.215  -1.634  -0.886  1.00 12.99  ? 5  ARG A N   1 
ATOM   31  C CA  . ARG A 1 5  ? 2.945  -2.438  0.102   1.00 14.42  ? 5  ARG A CA  1 
ATOM   32  C C   . ARG A 1 5  ? 2.167  -3.675  0.521   1.00 15.19  ? 5  ARG A C   1 
ATOM   33  O O   . ARG A 1 5  ? 0.927  -3.661  0.636   1.00 14.98  ? 5  ARG A O   1 
ATOM   34  C CB  . ARG A 1 5  ? 3.206  -1.594  1.353   1.00 14.70  ? 5  ARG A CB  1 
ATOM   35  C CG  . ARG A 1 5  ? 4.016  -0.283  1.127   1.00 13.71  ? 5  ARG A CG  1 
ATOM   36  C CD  . ARG A 1 5  ? 4.948  -0.081  2.281   1.00 14.28  ? 5  ARG A CD  1 
ATOM   37  N NE  . ARG A 1 5  ? 5.625  1.217   2.305   1.00 15.49  ? 5  ARG A NE  1 
ATOM   38  C CZ  . ARG A 1 5  ? 6.723  1.535   1.619   1.00 15.48  ? 5  ARG A CZ  1 
ATOM   39  N NH1 . ARG A 1 5  ? 7.286  0.666   0.800   1.00 17.42  ? 5  ARG A NH1 1 
ATOM   40  N NH2 . ARG A 1 5  ? 7.259  2.750   1.760   1.00 16.06  ? 5  ARG A NH2 1 
ATOM   41  N N   . ILE A 1 6  ? 2.899  -4.756  0.773   1.00 16.90  ? 6  ILE A N   1 
ATOM   42  C CA  . ILE A 1 6  ? 2.312  -5.935  1.445   1.00 17.75  ? 6  ILE A CA  1 
ATOM   43  C C   . ILE A 1 6  ? 3.273  -6.282  2.592   1.00 19.33  ? 6  ILE A C   1 
ATOM   44  O O   . ILE A 1 6  ? 4.488  -6.315  2.336   1.00 22.90  ? 6  ILE A O   1 
ATOM   45  C CB  . ILE A 1 6  ? 2.185  -7.104  0.459   1.00 18.08  ? 6  ILE A CB  1 
ATOM   46  C CG1 . ILE A 1 6  ? 1.030  -6.864  -0.523  1.00 18.98  ? 6  ILE A CG1 1 
ATOM   47  C CG2 . ILE A 1 6  ? 2.069  -8.460  1.220   1.00 18.35  ? 6  ILE A CG2 1 
ATOM   48  C CD1 . ILE A 1 6  ? 0.981  -7.771  -1.739  1.00 17.77  ? 6  ILE A CD1 1 
ATOM   49  N N   . PRO A 1 7  ? 2.751  -6.533  3.827   1.00 19.97  ? 7  PRO A N   1 
ATOM   50  C CA  . PRO A 1 7  ? 1.331  -6.651  4.138   1.00 19.06  ? 7  PRO A CA  1 
ATOM   51  C C   . PRO A 1 7  ? 0.595  -5.347  4.413   1.00 19.24  ? 7  PRO A C   1 
ATOM   52  O O   . PRO A 1 7  ? -0.646 -5.346  4.449   1.00 22.38  ? 7  PRO A O   1 
ATOM   53  C CB  . PRO A 1 7  ? 1.345  -7.509  5.430   1.00 17.69  ? 7  PRO A CB  1 
ATOM   54  C CG  . PRO A 1 7  ? 2.565  -7.030  6.141   1.00 20.81  ? 7  PRO A CG  1 
ATOM   55  C CD  . PRO A 1 7  ? 3.582  -6.870  5.017   1.00 19.36  ? 7  PRO A CD  1 
ATOM   56  N N   . ALA A 1 8  ? 1.328  -4.269  4.705   1.00 18.43  ? 8  ALA A N   1 
ATOM   57  C CA  . ALA A 1 8  ? 0.721  -3.039  5.230   1.00 18.67  ? 8  ALA A CA  1 
ATOM   58  C C   . ALA A 1 8  ? 1.665  -1.860  5.094   1.00 18.47  ? 8  ALA A C   1 
ATOM   59  O O   . ALA A 1 8  ? 2.832  -2.027  4.734   1.00 16.82  ? 8  ALA A O   1 
ATOM   60  C CB  . ALA A 1 8  ? 0.280  -3.230  6.716   1.00 19.84  ? 8  ALA A CB  1 
ATOM   61  N N   . CYS A 1 9  ? 1.160  -0.641  5.349   1.00 19.67  ? 9  CYS A N   1 
ATOM   62  C CA  . CYS A 1 9  ? 1.987  0.562   5.418   1.00 20.50  ? 9  CYS A CA  1 
ATOM   63  C C   . CYS A 1 9  ? 2.995  0.462   6.560   1.00 21.17  ? 9  CYS A C   1 
ATOM   64  O O   . CYS A 1 9  ? 2.738  -0.246  7.538   1.00 23.84  ? 9  CYS A O   1 
ATOM   65  C CB  . CYS A 1 9  ? 1.080  1.787   5.582   1.00 20.60  ? 9  CYS A CB  1 
ATOM   66  S SG  . CYS A 1 9  ? -0.231 1.811   4.287   1.00 21.75  ? 9  CYS A SG  1 
ATOM   67  N N   . ILE A 1 10 ? 4.119  1.158   6.441   1.00 22.52  ? 10 ILE A N   1 
ATOM   68  C CA  . ILE A 1 10 ? 5.203  1.090   7.419   1.00 23.08  ? 10 ILE A CA  1 
ATOM   69  C C   . ILE A 1 10 ? 5.088  2.336   8.217   1.00 25.66  ? 10 ILE A C   1 
ATOM   70  O O   . ILE A 1 10 ? 4.128  3.080   8.023   1.00 26.80  ? 10 ILE A O   1 
ATOM   71  C CB  . ILE A 1 10 ? 6.623  0.977   6.774   1.00 22.97  ? 10 ILE A CB  1 
ATOM   72  C CG1 . ILE A 1 10 ? 7.057  2.260   6.025   1.00 22.38  ? 10 ILE A CG1 1 
ATOM   73  C CG2 . ILE A 1 10 ? 6.713  -0.343  5.976   1.00 21.14  ? 10 ILE A CG2 1 
ATOM   74  C CD1 . ILE A 1 10 ? 8.451  2.186   5.347   1.00 23.23  ? 10 ILE A CD1 1 
ATOM   75  N N   . ALA A 1 11 ? 6.071  2.592   9.100   1.00 27.35  ? 11 ALA A N   1 
ATOM   76  C CA  . ALA A 1 11 ? 6.034  3.722   10.040  1.00 27.03  ? 11 ALA A CA  1 
ATOM   77  C C   . ALA A 1 11 ? 5.888  5.101   9.455   1.00 28.06  ? 11 ALA A C   1 
ATOM   78  O O   . ALA A 1 11 ? 6.659  5.538   8.550   1.00 28.65  ? 11 ALA A O   1 
ATOM   79  C CB  . ALA A 1 11 ? 7.291  3.687   10.978  1.00 28.70  ? 11 ALA A CB  1 
ATOM   80  N N   . GLY A 1 12 ? 4.928  5.836   10.031  1.00 27.40  ? 12 GLY A N   1 
ATOM   81  C CA  . GLY A 1 12 ? 4.708  7.174   9.603   1.00 26.55  ? 12 GLY A CA  1 
ATOM   82  C C   . GLY A 1 12 ? 3.845  7.192   8.370   1.00 25.98  ? 12 GLY A C   1 
ATOM   83  O O   . GLY A 1 12 ? 3.565  8.286   7.841   1.00 28.39  ? 12 GLY A O   1 
ATOM   84  N N   . GLU A 1 13 ? 3.437  6.006   7.880   1.00 23.41  ? 13 GLU A N   1 
ATOM   85  C CA  . GLU A 1 13 ? 2.564  5.978   6.696   1.00 21.03  ? 13 GLU A CA  1 
ATOM   86  C C   . GLU A 1 13 ? 1.147  5.678   7.066   1.00 20.39  ? 13 GLU A C   1 
ATOM   87  O O   . GLU A 1 13 ? 0.875  4.995   8.055   1.00 21.18  ? 13 GLU A O   1 
ATOM   88  C CB  . GLU A 1 13 ? 3.027  5.007   5.608   1.00 19.78  ? 13 GLU A CB  1 
ATOM   89  C CG  . GLU A 1 13 ? 4.374  5.331   4.987   1.00 19.42  ? 13 GLU A CG  1 
ATOM   90  C CD  . GLU A 1 13 ? 4.865  4.248   4.063   1.00 19.83  ? 13 GLU A CD  1 
ATOM   91  O OE1 . GLU A 1 13 ? 4.244  3.155   4.019   1.00 20.20  ? 13 GLU A OE1 1 
ATOM   92  O OE2 . GLU A 1 13 ? 5.908  4.492   3.391   1.00 21.88  ? 13 GLU A OE2 1 
HETATM 93  N N   . DAB A 1 14 ? 0.218  6.207   6.263   1.00 19.55  ? 14 DAB A N   1 
HETATM 94  C CA  . DAB A 1 14 ? -1.185 5.866   6.445   1.00 19.39  ? 14 DAB A CA  1 
HETATM 95  C C   . DAB A 1 14 ? -1.759 5.319   5.156   1.00 18.13  ? 14 DAB A C   1 
HETATM 96  O O   . DAB A 1 14 ? -1.225 5.579   4.082   1.00 17.70  ? 14 DAB A O   1 
HETATM 97  C CB  . DAB A 1 14 ? -1.957 7.095   6.876   1.00 20.73  ? 14 DAB A CB  1 
HETATM 98  C CG  . DAB A 1 14 ? -1.499 7.548   8.255   1.00 24.80  ? 14 DAB A CG  1 
HETATM 99  N ND  . DAB A 1 14 ? -2.741 7.745   8.996   1.00 30.53  ? 14 DAB A ND  1 
HETATM 100 N N   . DAB A 1 15 ? -2.819 4.534   5.273   1.00 17.98  ? 15 DAB A N   1 
HETATM 101 C CA  . DAB A 1 15 ? -3.412 3.864   4.114   1.00 17.51  ? 15 DAB A CA  1 
HETATM 102 C C   . DAB A 1 15 ? -4.462 4.740   3.452   1.00 16.50  ? 15 DAB A C   1 
HETATM 103 O O   . DAB A 1 15 ? -5.291 5.371   4.129   1.00 16.50  ? 15 DAB A O   1 
HETATM 104 C CB  . DAB A 1 15 ? -4.008 2.603   4.685   1.00 18.97  ? 15 DAB A CB  1 
HETATM 105 C CG  . DAB A 1 15 ? -4.119 1.554   3.634   1.00 23.53  ? 15 DAB A CG  1 
HETATM 106 N ND  . DAB A 1 15 ? -4.511 0.342   4.373   1.00 26.40  ? 15 DAB A ND  1 
ATOM   107 N N   . TYR A 1 16 ? -4.407 4.801   2.134   1.00 15.36  ? 16 TYR A N   1 
ATOM   108 C CA  . TYR A 1 16 ? -5.391 5.527   1.314   1.00 16.63  ? 16 TYR A CA  1 
ATOM   109 C C   . TYR A 1 16 ? -5.824 4.576   0.214   1.00 17.47  ? 16 TYR A C   1 
ATOM   110 O O   . TYR A 1 16 ? -5.541 4.791   -0.925  1.00 20.29  ? 16 TYR A O   1 
ATOM   111 C CB  . TYR A 1 16 ? -4.785 6.823   0.736   1.00 17.23  ? 16 TYR A CB  1 
ATOM   112 C CG  . TYR A 1 16 ? -4.295 7.758   1.812   1.00 20.18  ? 16 TYR A CG  1 
ATOM   113 C CD1 . TYR A 1 16 ? -5.140 8.732   2.370   1.00 20.97  ? 16 TYR A CD1 1 
ATOM   114 C CD2 . TYR A 1 16 ? -3.004 7.645   2.311   1.00 19.06  ? 16 TYR A CD2 1 
ATOM   115 C CE1 . TYR A 1 16 ? -4.681 9.573   3.397   1.00 22.24  ? 16 TYR A CE1 1 
ATOM   116 C CE2 . TYR A 1 16 ? -2.527 8.486   3.323   1.00 20.17  ? 16 TYR A CE2 1 
ATOM   117 C CZ  . TYR A 1 16 ? -3.372 9.441   3.869   1.00 19.77  ? 16 TYR A CZ  1 
ATOM   118 O OH  . TYR A 1 16 ? -2.900 10.237  4.924   1.00 23.51  ? 16 TYR A OH  1 
ATOM   119 N N   . GLY A 1 17 ? -6.502 3.507   0.548   1.00 17.54  ? 17 GLY A N   1 
ATOM   120 C CA  . GLY A 1 17 ? -7.018 2.602   -0.493  1.00 15.89  ? 17 GLY A CA  1 
ATOM   121 C C   . GLY A 1 17 ? -6.042 1.463   -0.734  1.00 15.96  ? 17 GLY A C   1 
ATOM   122 O O   . GLY A 1 17 ? -5.258 1.087   0.172   1.00 14.66  ? 17 GLY A O   1 
ATOM   123 N N   . THR A 1 18 ? -6.098 0.915   -1.941  1.00 14.78  ? 18 THR A N   1 
ATOM   124 C CA  . THR A 1 18 ? -5.408 -0.344  -2.253  1.00 14.32  ? 18 THR A CA  1 
ATOM   125 C C   . THR A 1 18 ? -4.832 -0.232  -3.642  1.00 14.09  ? 18 THR A C   1 
ATOM   126 O O   . THR A 1 18 ? -5.274 0.614   -4.424  1.00 13.97  ? 18 THR A O   1 
ATOM   127 C CB  . THR A 1 18 ? -6.433 -1.409  -2.225  1.00 15.06  ? 18 THR A CB  1 
ATOM   128 O OG1 . THR A 1 18 ? -6.637 -2.055  -0.961  1.00 22.43  ? 18 THR A OG1 1 
ATOM   129 C CG2 . THR A 1 18 ? -7.463 -1.303  -3.172  1.00 12.66  ? 18 THR A CG2 1 
ATOM   130 N N   . CYS A 1 19 ? -3.878 -1.099  -3.951  1.00 14.69  ? 19 CYS A N   1 
ATOM   131 C CA  . CYS A 1 19 ? -3.397 -1.297  -5.329  1.00 14.23  ? 19 CYS A CA  1 
ATOM   132 C C   . CYS A 1 19 ? -3.768 -2.706  -5.721  1.00 16.14  ? 19 CYS A C   1 
ATOM   133 O O   . CYS A 1 19 ? -3.771 -3.615  -4.891  1.00 17.37  ? 19 CYS A O   1 
ATOM   134 C CB  . CYS A 1 19 ? -1.869 -1.213  -5.408  1.00 15.04  ? 19 CYS A CB  1 
ATOM   135 S SG  . CYS A 1 19 ? -1.198 0.096   -4.423  1.00 16.53  ? 19 CYS A SG  1 
ATOM   136 N N   . ILE A 1 20 ? -4.031 -2.892  -6.994  1.00 16.85  ? 20 ILE A N   1 
ATOM   137 C CA  . ILE A 1 20 ? -4.183 -4.228  -7.571  1.00 18.74  ? 20 ILE A CA  1 
ATOM   138 C C   . ILE A 1 20 ? -3.061 -4.334  -8.610  1.00 20.77  ? 20 ILE A C   1 
ATOM   139 O O   . ILE A 1 20 ? -3.067 -3.586  -9.576  1.00 20.85  ? 20 ILE A O   1 
ATOM   140 C CB  . ILE A 1 20 ? -5.572 -4.391  -8.219  1.00 20.18  ? 20 ILE A CB  1 
ATOM   141 C CG1 . ILE A 1 20 ? -6.691 -4.338  -7.168  1.00 19.91  ? 20 ILE A CG1 1 
ATOM   142 C CG2 . ILE A 1 20 ? -5.644 -5.761  -8.897  1.00 22.63  ? 20 ILE A CG2 1 
ATOM   143 C CD1 . ILE A 1 20 ? -7.061 -2.983  -6.632  1.00 19.58  ? 20 ILE A CD1 1 
ATOM   144 N N   . TYR A 1 21 ? -2.079 -5.196  -8.361  1.00 22.13  ? 21 TYR A N   1 
ATOM   145 C CA  . TYR A 1 21 ? -0.819 -5.191  -9.151  1.00 25.02  ? 21 TYR A CA  1 
ATOM   146 C C   . TYR A 1 21 ? -0.199 -6.589  -9.059  1.00 25.37  ? 21 TYR A C   1 
ATOM   147 O O   . TYR A 1 21 ? -0.170 -7.186  -7.984  1.00 25.84  ? 21 TYR A O   1 
ATOM   148 C CB  . TYR A 1 21 ? 0.100  -4.097  -8.588  1.00 26.63  ? 21 TYR A CB  1 
ATOM   149 C CG  . TYR A 1 21 ? 1.551  -4.133  -8.985  1.00 28.69  ? 21 TYR A CG  1 
ATOM   150 C CD1 . TYR A 1 21 ? 1.944  -3.745  -10.258 1.00 30.31  ? 21 TYR A CD1 1 
ATOM   151 C CD2 . TYR A 1 21 ? 2.541  -4.482  -8.051  1.00 29.82  ? 21 TYR A CD2 1 
ATOM   152 C CE1 . TYR A 1 21 ? 3.298  -3.746  -10.632 1.00 29.89  ? 21 TYR A CE1 1 
ATOM   153 C CE2 . TYR A 1 21 ? 3.905  -4.483  -8.422  1.00 32.83  ? 21 TYR A CE2 1 
ATOM   154 C CZ  . TYR A 1 21 ? 4.261  -4.096  -9.715  1.00 29.13  ? 21 TYR A CZ  1 
ATOM   155 O OH  . TYR A 1 21 ? 5.609  -4.104  -10.086 1.00 34.30  ? 21 TYR A OH  1 
ATOM   156 N N   . GLN A 1 22 ? 0.246  -7.117  -10.196 1.00 26.03  ? 22 GLN A N   1 
ATOM   157 C CA  . GLN A 1 22 ? 0.783  -8.494  -10.242 1.00 25.83  ? 22 GLN A CA  1 
ATOM   158 C C   . GLN A 1 22 ? -0.124 -9.548  -9.576  1.00 25.82  ? 22 GLN A C   1 
ATOM   159 O O   . GLN A 1 22 ? 0.350  -10.455 -8.881  1.00 27.25  ? 22 GLN A O   1 
ATOM   160 C CB  . GLN A 1 22 ? 2.172  -8.511  -9.616  1.00 26.64  ? 22 GLN A CB  1 
ATOM   161 C CG  . GLN A 1 22 ? 3.154  -7.709  -10.432 1.00 30.50  ? 22 GLN A CG  1 
ATOM   162 C CD  . GLN A 1 22 ? 4.490  -7.506  -9.753  1.00 29.00  ? 22 GLN A CD  1 
ATOM   163 O OE1 . GLN A 1 22 ? 5.469  -7.192  -10.431 1.00 42.37  ? 22 GLN A OE1 1 
ATOM   164 N NE2 . GLN A 1 22 ? 4.545  -7.660  -8.412  1.00 39.07  ? 22 GLN A NE2 1 
ATOM   165 N N   . GLY A 1 23 ? -1.429 -9.425  -9.772  1.00 24.88  ? 23 GLY A N   1 
ATOM   166 C CA  . GLY A 1 23 ? -2.367 -10.424 -9.264  1.00 24.78  ? 23 GLY A CA  1 
ATOM   167 C C   . GLY A 1 23 ? -2.577 -10.439 -7.766  1.00 24.39  ? 23 GLY A C   1 
ATOM   168 O O   . GLY A 1 23 ? -3.073 -11.402 -7.206  1.00 25.81  ? 23 GLY A O   1 
HETATM 169 N N   . DAB A 1 24 ? -2.197 -9.365  -7.091  1.00 22.80  ? 24 DAB A N   1 
HETATM 170 C CA  . DAB A 1 24 ? -2.442 -9.286  -5.646  1.00 22.91  ? 24 DAB A CA  1 
HETATM 171 C C   . DAB A 1 24 ? -2.974 -7.936  -5.240  1.00 21.52  ? 24 DAB A C   1 
HETATM 172 O O   . DAB A 1 24 ? -2.909 -6.974  -6.001  1.00 21.56  ? 24 DAB A O   1 
HETATM 173 C CB  . DAB A 1 24 ? -1.156 -9.574  -4.844  1.00 23.78  ? 24 DAB A CB  1 
HETATM 174 C CG  . DAB A 1 24 ? -0.443 -10.830 -5.334  1.00 27.11  ? 24 DAB A CG  1 
HETATM 175 N ND  . DAB A 1 24 ? -1.164 -11.946 -4.748  1.00 31.87  ? 24 DAB A ND  1 
ATOM   176 N N   . LEU A 1 25 ? -3.527 -7.890  -4.037  1.00 20.12  ? 25 LEU A N   1 
ATOM   177 C CA  . LEU A 1 25 ? -4.007 -6.656  -3.444  1.00 18.77  ? 25 LEU A CA  1 
ATOM   178 C C   . LEU A 1 25 ? -2.916 -6.137  -2.511  1.00 18.00  ? 25 LEU A C   1 
ATOM   179 O O   . LEU A 1 25 ? -2.454 -6.868  -1.629  1.00 18.07  ? 25 LEU A O   1 
ATOM   180 C CB  . LEU A 1 25 ? -5.279 -6.900  -2.622  1.00 19.27  ? 25 LEU A CB  1 
ATOM   181 C CG  . LEU A 1 25 ? -6.003 -5.684  -2.067  1.00 19.68  ? 25 LEU A CG  1 
ATOM   182 C CD1 . LEU A 1 25 ? -6.746 -4.887  -3.172  1.00 21.34  ? 25 LEU A CD1 1 
ATOM   183 C CD2 . LEU A 1 25 ? -7.012 -6.141  -0.998  1.00 20.47  ? 25 LEU A CD2 1 
ATOM   184 N N   . TRP A 1 26 ? -2.550 -4.869  -2.685  1.00 16.15  ? 26 TRP A N   1 
ATOM   185 C CA  . TRP A 1 26 ? -1.559 -4.175  -1.854  1.00 16.04  ? 26 TRP A CA  1 
ATOM   186 C C   . TRP A 1 26 ? -2.240 -3.047  -1.121  1.00 14.56  ? 26 TRP A C   1 
ATOM   187 O O   . TRP A 1 26 ? -3.252 -2.484  -1.620  1.00 13.93  ? 26 TRP A O   1 
ATOM   188 C CB  . TRP A 1 26 ? -0.489 -3.536  -2.749  1.00 16.53  ? 26 TRP A CB  1 
ATOM   189 C CG  . TRP A 1 26 ? 0.094  -4.493  -3.736  1.00 17.74  ? 26 TRP A CG  1 
ATOM   190 C CD1 . TRP A 1 26 ? -0.550 -5.054  -4.805  1.00 17.89  ? 26 TRP A CD1 1 
ATOM   191 C CD2 . TRP A 1 26 ? 1.421  -5.048  -3.709  1.00 18.81  ? 26 TRP A CD2 1 
ATOM   192 N NE1 . TRP A 1 26 ? 0.323  -5.921  -5.479  1.00 19.94  ? 26 TRP A NE1 1 
ATOM   193 C CE2 . TRP A 1 26 ? 1.526  -5.950  -4.813  1.00 20.63  ? 26 TRP A CE2 1 
ATOM   194 C CE3 . TRP A 1 26 ? 2.524  -4.870  -2.872  1.00 19.77  ? 26 TRP A CE3 1 
ATOM   195 C CZ2 . TRP A 1 26 ? 2.748  -6.643  -5.122  1.00 20.34  ? 26 TRP A CZ2 1 
ATOM   196 C CZ3 . TRP A 1 26 ? 3.744  -5.597  -3.154  1.00 19.47  ? 26 TRP A CZ3 1 
ATOM   197 C CH2 . TRP A 1 26 ? 3.815  -6.477  -4.271  1.00 19.22  ? 26 TRP A CH2 1 
ATOM   198 N N   . ALA A 1 27 ? -1.664 -2.672  0.013   1.00 13.10  ? 27 ALA A N   1 
ATOM   199 C CA  . ALA A 1 27 ? -2.029 -1.413  0.678   1.00 12.93  ? 27 ALA A CA  1 
ATOM   200 C C   . ALA A 1 27 ? -1.453 -0.235  -0.118  1.00 12.96  ? 27 ALA A C   1 
ATOM   201 O O   . ALA A 1 27 ? -0.306 -0.279  -0.548  1.00 13.65  ? 27 ALA A O   1 
ATOM   202 C CB  . ALA A 1 27 ? -1.501 -1.404  2.115   1.00 14.68  ? 27 ALA A CB  1 
ATOM   203 N N   . PHE A 1 28 ? -2.266 0.778   -0.366  1.00 12.51  ? 28 PHE A N   1 
ATOM   204 C CA  . PHE A 1 28 ? -1.785 2.037   -0.969  1.00 11.99  ? 28 PHE A CA  1 
ATOM   205 C C   . PHE A 1 28 ? -1.468 2.998   0.166   1.00 13.19  ? 28 PHE A C   1 
ATOM   206 O O   . PHE A 1 28 ? -2.330 3.288   0.990   1.00 14.12  ? 28 PHE A O   1 
ATOM   207 C CB  . PHE A 1 28 ? -2.754 2.608   -1.992  1.00 12.07  ? 28 PHE A CB  1 
ATOM   208 C CG  . PHE A 1 28 ? -2.233 3.862   -2.667  1.00 12.09  ? 28 PHE A CG  1 
ATOM   209 C CD1 . PHE A 1 28 ? -1.346 3.797   -3.777  1.00 12.48  ? 28 PHE A CD1 1 
ATOM   210 C CD2 . PHE A 1 28 ? -2.600 5.087   -2.198  1.00 15.19  ? 28 PHE A CD2 1 
ATOM   211 C CE1 . PHE A 1 28 ? -0.830 4.943   -4.386  1.00 13.71  ? 28 PHE A CE1 1 
ATOM   212 C CE2 . PHE A 1 28 ? -2.094 6.240   -2.802  1.00 12.55  ? 28 PHE A CE2 1 
ATOM   213 C CZ  . PHE A 1 28 ? -1.233 6.166   -3.916  1.00 12.80  ? 28 PHE A CZ  1 
ATOM   214 N N   . CYS A 1 29 ? -0.194 3.353   0.296   1.00 13.30  ? 29 CYS A N   1 
ATOM   215 C CA  . CYS A 1 29 ? 0.342  3.999   1.501   1.00 14.47  ? 29 CYS A CA  1 
ATOM   216 C C   . CYS A 1 29 ? 1.033  5.300   1.176   1.00 15.10  ? 29 CYS A C   1 
ATOM   217 O O   . CYS A 1 29 ? 1.823  5.348   0.230   1.00 14.20  ? 29 CYS A O   1 
ATOM   218 C CB  . CYS A 1 29 ? 1.403  3.078   2.184   1.00 14.86  ? 29 CYS A CB  1 
ATOM   219 S SG  . CYS A 1 29 ? 0.729  1.492   2.546   1.00 18.30  ? 29 CYS A SG  1 
ATOM   220 N N   . CYS A 1 30 ? 0.777  6.326   1.986   1.00 16.38  ? 30 CYS A N   1 
ATOM   221 C CA  . CYS A 1 30 ? 1.482  7.618   1.825   1.00 17.89  ? 30 CYS A CA  1 
ATOM   222 C C   . CYS A 1 30 ? 1.833  8.176   3.173   1.00 18.77  ? 30 CYS A C   1 
ATOM   223 O O   . CYS A 1 30 ? 1.200  7.879   4.193   1.00 19.80  ? 30 CYS A O   1 
ATOM   224 C CB  . CYS A 1 30 ? 0.608  8.663   1.106   1.00 18.00  ? 30 CYS A CB  1 
ATOM   225 S SG  . CYS A 1 30 ? -0.228 8.109   -0.381  1.00 19.38  ? 30 CYS A SG  1 
ATOM   226 O OXT . CYS A 1 30 ? 2.760  8.978   3.246   1.00 21.24  ? 30 CYS A OXT 1 
HETATM 227 O O   . HOH B 2 .  ? -7.648 3.012   3.194   1.00 19.15  ? 31 HOH A O   1 
HETATM 228 O O   . HOH B 2 .  ? -6.203 5.390   -3.448  1.00 23.02  ? 32 HOH A O   1 
HETATM 229 O O   . HOH B 2 .  ? 4.969  -3.523  4.206   1.00 25.54  ? 33 HOH A O   1 
HETATM 230 O O   . HOH B 2 .  ? -3.849 3.755   8.168   1.00 34.68  ? 34 HOH A O   1 
HETATM 231 O O   . HOH B 2 .  ? 6.275  -3.815  1.952   1.00 26.86  ? 35 HOH A O   1 
HETATM 232 O O   . HOH B 2 .  ? 8.368  8.318   1.612   1.00 25.87  ? 36 HOH A O   1 
HETATM 233 O O   . HOH B 2 .  ? -5.326 -0.853  2.088   1.00 30.02  ? 37 HOH A O   1 
HETATM 234 O O   . HOH B 2 .  ? -3.671 -4.881  -11.964 1.00 56.34  ? 38 HOH A O   1 
HETATM 235 O O   . HOH B 2 .  ? -2.955 -3.572  5.175   1.00 32.45  ? 39 HOH A O   1 
HETATM 236 O O   . HOH B 2 .  ? 7.297  6.645   3.957   1.00 33.29  ? 40 HOH A O   1 
HETATM 237 O O   . HOH B 2 .  ? -7.186 1.390   5.832   1.00 43.29  ? 41 HOH A O   1 
HETATM 238 O O   . HOH B 2 .  ? 8.622  1.311   9.886   1.00 36.63  ? 42 HOH A O   1 
HETATM 239 O O   . HOH B 2 .  ? -2.237 -0.937  5.803   1.00 28.72  ? 43 HOH A O   1 
HETATM 240 O O   . HOH B 2 .  ? 7.153  -7.296  2.520   1.00 29.64  ? 44 HOH A O   1 
HETATM 241 O O   . HOH B 2 .  ? -3.092 -7.664  -11.000 1.00 42.95  ? 45 HOH A O   1 
HETATM 242 O O   . HOH B 2 .  ? -4.192 -10.518 -2.741  1.00 34.90  ? 46 HOH A O   1 
HETATM 243 O O   . HOH B 2 .  ? -5.120 10.917  6.605   1.00 37.90  ? 47 HOH A O   1 
HETATM 244 O O   . HOH B 2 .  ? -1.932 -9.771  -1.243  1.00 35.63  ? 48 HOH A O   1 
HETATM 245 O O   . HOH B 2 .  ? 4.019  9.496   5.627   1.00 35.15  ? 49 HOH A O   1 
HETATM 246 O O   . HOH B 2 .  ? 6.989  10.664  0.892   1.00 40.09  ? 50 HOH A O   1 
HETATM 247 O O   . HOH B 2 .  ? 5.028  8.931   2.025   1.00 35.53  ? 51 HOH A O   1 
HETATM 248 O O   . HOH B 2 .  ? -1.941 -7.178  2.267   1.00 47.97  ? 52 HOH A O   1 
HETATM 249 O O   . HOH B 2 .  ? -5.906 6.005   6.550   1.00 41.68  ? 53 HOH A O   1 
HETATM 250 O O   . HOH B 2 .  ? 0.423  -13.620 -7.332  1.00 51.78  ? 54 HOH A O   1 
HETATM 251 O O   . HOH B 2 .  ? -3.296 -5.621  1.761   1.00 35.94  ? 55 HOH A O   1 
HETATM 252 O O   . HOH B 2 .  ? -8.781 5.257   3.477   1.00 46.32  ? 56 HOH A O   1 
HETATM 253 O O   . HOH B 2 .  ? -0.163 -6.075  -13.380 1.00 44.03  ? 57 HOH A O   1 
HETATM 254 O O   . HOH B 2 .  ? 7.294  13.016  -3.384  1.00 40.65  ? 58 HOH A O   1 
HETATM 255 O O   . HOH B 2 .  ? 1.406  5.724   10.795  1.00 37.35  ? 59 HOH A O   1 
HETATM 256 O O   . HOH B 2 .  ? 10.348 3.318   8.635   1.00 36.12  ? 60 HOH A O   1 
HETATM 257 O O   . HOH B 2 .  ? -4.594 5.145   9.321   1.00 59.42  ? 61 HOH A O   1 
HETATM 258 O O   . HOH B 2 .  ? -7.580 10.815  2.303   1.00 37.01  ? 62 HOH A O   1 
HETATM 259 O O   . HOH B 2 .  ? 0.262  10.800  4.424   1.00 48.08  ? 63 HOH A O   1 
HETATM 260 O O   . HOH B 2 .  ? -0.978 2.585   8.798   1.00 51.25  ? 64 HOH A O   1 
HETATM 261 O O   . HOH B 2 .  ? 10.030 0.728   11.939  1.00 43.55  ? 65 HOH A O   1 
HETATM 262 O O   . HOH B 2 .  ? 6.937  -1.661  -11.758 1.00 54.42  ? 66 HOH A O   1 
HETATM 263 O O   . HOH B 2 .  ? -6.326 -0.533  7.451   1.00 52.78  ? 67 HOH A O   1 
HETATM 264 O O   . HOH B 2 .  ? -5.330 8.033   8.099   1.00 64.35  ? 68 HOH A O   1 
HETATM 265 O O   . HOH B 2 .  ? 9.547  5.731   5.232   1.00 42.73  ? 69 HOH A O   1 
HETATM 266 O O   . HOH B 2 .  ? 5.667  -4.681  -0.050  1.00 38.78  ? 70 HOH A O   1 
HETATM 267 O O   . HOH B 2 .  ? 0.075  -13.746 -3.372  1.00 50.11  ? 71 HOH A O   1 
HETATM 268 O O   . HOH B 2 .  ? 6.444  7.914   6.567   1.00 48.00  ? 72 HOH A O   1 
HETATM 269 O O   . HOH B 2 .  ? 2.737  11.841  -0.319  1.00 49.85  ? 73 HOH A O   1 
HETATM 270 O O   . HOH B 2 .  ? 4.213  -9.615  -6.930  1.00 50.08  ? 74 HOH A O   1 
HETATM 271 O O   . HOH B 2 .  ? -6.082 2.447   8.356   1.00 68.70  ? 75 HOH A O   1 
HETATM 272 O O   . HOH B 2 .  ? 5.872  -5.507  -7.500  1.00 49.36  ? 76 HOH A O   1 
HETATM 273 O O   . HOH B 2 .  ? -7.455 -7.072  2.317   1.00 54.68  ? 77 HOH A O   1 
HETATM 274 O O   . HOH B 2 .  ? -3.956 -8.383  4.902   1.00 53.39  ? 78 HOH A O   1 
HETATM 275 O O   . HOH B 2 .  ? 2.433  -11.342 -6.670  1.00 54.70  ? 79 HOH A O   1 
HETATM 276 O O   . HOH B 2 .  ? 9.261  7.580   -4.580  1.00 147.02 ? 80 HOH A O   1 
HETATM 277 O O   . HOH B 2 .  ? -4.770 -13.457 -8.972  1.00 56.73  ? 81 HOH A O   1 
HETATM 278 O O   . HOH B 2 .  ? -7.402 -8.712  -6.913  1.00 34.54  ? 82 HOH A O   1 
HETATM 279 O O   . HOH B 2 .  ? 5.040  1.136   11.572  1.00 95.14  ? 83 HOH A O   1 
# 
loop_
_atom_site_anisotrop.id 
_atom_site_anisotrop.type_symbol 
_atom_site_anisotrop.pdbx_label_atom_id 
_atom_site_anisotrop.pdbx_label_alt_id 
_atom_site_anisotrop.pdbx_label_comp_id 
_atom_site_anisotrop.pdbx_label_asym_id 
_atom_site_anisotrop.pdbx_label_seq_id 
_atom_site_anisotrop.pdbx_PDB_ins_code 
_atom_site_anisotrop.U[1][1] 
_atom_site_anisotrop.U[2][2] 
_atom_site_anisotrop.U[3][3] 
_atom_site_anisotrop.U[1][2] 
_atom_site_anisotrop.U[1][3] 
_atom_site_anisotrop.U[2][3] 
_atom_site_anisotrop.pdbx_auth_seq_id 
_atom_site_anisotrop.pdbx_auth_comp_id 
_atom_site_anisotrop.pdbx_auth_asym_id 
_atom_site_anisotrop.pdbx_auth_atom_id 
1   N N   . ALA A 1  ? 0.2828 0.2439 0.2663 -0.0249 0.0068  -0.0141 1  ALA A N   
2   C CA  . ALA A 1  ? 0.2437 0.2124 0.2435 -0.0076 0.0085  -0.0045 1  ALA A CA  
3   C C   . ALA A 1  ? 0.2366 0.1978 0.2345 -0.0054 -0.0063 0.0053  1  ALA A C   
4   O O   . ALA A 1  ? 0.2448 0.1985 0.2540 -0.0010 -0.0020 -0.0048 1  ALA A O   
5   C CB  . ALA A 1  ? 0.2568 0.2424 0.2631 -0.0146 0.0028  -0.0001 1  ALA A CB  
6   N N   . CYS A 2  ? 0.1995 0.1554 0.2253 -0.0007 -0.0092 0.0049  2  CYS A N   
7   C CA  . CYS A 2  ? 0.1816 0.1639 0.2144 0.0028  -0.0043 0.0096  2  CYS A CA  
8   C C   . CYS A 2  ? 0.1679 0.1599 0.1873 -0.0005 -0.0043 0.0016  2  CYS A C   
9   O O   . CYS A 2  ? 0.1738 0.1566 0.2168 -0.0177 0.0040  0.0109  2  CYS A O   
10  C CB  . CYS A 2  ? 0.1866 0.1689 0.2161 0.0091  -0.0116 0.0064  2  CYS A CB  
11  S SG  . CYS A 2  ? 0.2412 0.2113 0.2729 0.0485  -0.0107 0.0093  2  CYS A SG  
12  N N   . TYR A 3  ? 0.1757 0.1527 0.1768 -0.0004 -0.0160 -0.0005 3  TYR A N   
13  C CA  . TYR A 3  ? 0.1677 0.1533 0.1830 0.0126  -0.0115 0.0015  3  TYR A CA  
14  C C   . TYR A 3  ? 0.1699 0.1541 0.1746 0.0065  -0.0059 0.0004  3  TYR A C   
15  O O   . TYR A 3  ? 0.1876 0.1431 0.2244 -0.0179 0.0203  -0.0062 3  TYR A O   
16  C CB  . TYR A 3  ? 0.1790 0.1973 0.1915 0.0079  -0.0193 0.0018  3  TYR A CB  
17  C CG  . TYR A 3  ? 0.1743 0.1611 0.1913 0.0155  -0.0042 -0.0138 3  TYR A CG  
18  C CD1 . TYR A 3  ? 0.2137 0.2077 0.1750 -0.0304 -0.0005 0.0152  3  TYR A CD1 
19  C CD2 . TYR A 3  ? 0.1913 0.2012 0.2067 0.0002  -0.0378 0.0079  3  TYR A CD2 
20  C CE1 . TYR A 3  ? 0.2200 0.1965 0.1932 -0.0271 -0.0086 0.0047  3  TYR A CE1 
21  C CE2 . TYR A 3  ? 0.1794 0.2183 0.2123 -0.0167 -0.0216 0.0134  3  TYR A CE2 
22  C CZ  . TYR A 3  ? 0.1970 0.2156 0.2206 -0.0071 -0.0122 -0.0102 3  TYR A CZ  
23  O OH  . TYR A 3  ? 0.2228 0.2366 0.2494 -0.0231 -0.0190 0.0035  3  TYR A OH  
24  N N   . CYS A 4  ? 0.1711 0.1381 0.1706 0.0076  -0.0109 0.0049  4  CYS A N   
25  C CA  . CYS A 4  ? 0.1674 0.1353 0.1740 0.0052  -0.0090 0.0116  4  CYS A CA  
26  C C   . CYS A 4  ? 0.1719 0.1437 0.1788 0.0121  0.0004  0.0107  4  CYS A C   
27  O O   . CYS A 4  ? 0.1839 0.1768 0.1985 0.0141  0.0084  0.0083  4  CYS A O   
28  C CB  . CYS A 4  ? 0.1781 0.1435 0.1638 0.0223  0.0033  0.0097  4  CYS A CB  
29  S SG  . CYS A 4  ? 0.2001 0.2059 0.1933 0.0076  0.0017  0.0001  4  CYS A SG  
30  N N   . ARG A 5  ? 0.1747 0.1391 0.1796 0.0039  0.0044  0.0225  5  ARG A N   
31  C CA  . ARG A 5  ? 0.1756 0.1704 0.2016 0.0073  -0.0075 0.0267  5  ARG A CA  
32  C C   . ARG A 5  ? 0.1728 0.1852 0.2192 0.0129  -0.0011 0.0431  5  ARG A C   
33  O O   . ARG A 5  ? 0.1668 0.1972 0.2051 0.0185  -0.0215 0.0480  5  ARG A O   
34  C CB  . ARG A 5  ? 0.1848 0.1806 0.1931 -0.0036 -0.0019 0.0099  5  ARG A CB  
35  C CG  . ARG A 5  ? 0.1738 0.1625 0.1843 -0.0021 -0.0253 0.0274  5  ARG A CG  
36  C CD  . ARG A 5  ? 0.1759 0.1890 0.1775 -0.0308 -0.0156 0.0084  5  ARG A CD  
37  N NE  . ARG A 5  ? 0.2023 0.1866 0.1994 -0.0124 -0.0246 0.0178  5  ARG A NE  
38  C CZ  . ARG A 5  ? 0.1874 0.1948 0.2059 -0.0015 -0.0101 0.0091  5  ARG A CZ  
39  N NH1 . ARG A 5  ? 0.1795 0.2418 0.2403 0.0023  -0.0326 0.0178  5  ARG A NH1 
40  N NH2 . ARG A 5  ? 0.1839 0.2267 0.1993 0.0036  -0.0234 0.0039  5  ARG A NH2 
41  N N   . ILE A 6  ? 0.1911 0.2013 0.2496 0.0115  -0.0171 0.0624  6  ILE A N   
42  C CA  . ILE A 6  ? 0.2093 0.2091 0.2560 0.0070  -0.0174 0.0534  6  ILE A CA  
43  C C   . ILE A 6  ? 0.2190 0.2294 0.2860 0.0112  -0.0116 0.0567  6  ILE A C   
44  O O   . ILE A 6  ? 0.2505 0.2601 0.3592 0.0137  -0.0150 0.0705  6  ILE A O   
45  C CB  . ILE A 6  ? 0.2195 0.2175 0.2498 0.0123  -0.0121 0.0500  6  ILE A CB  
46  C CG1 . ILE A 6  ? 0.2406 0.2248 0.2556 -0.0086 -0.0148 0.0266  6  ILE A CG1 
47  C CG2 . ILE A 6  ? 0.2220 0.2194 0.2558 0.0119  -0.0130 0.0447  6  ILE A CG2 
48  C CD1 . ILE A 6  ? 0.2250 0.1991 0.2509 0.0089  0.0125  0.0262  6  ILE A CD1 
49  N N   . PRO A 7  ? 0.2334 0.2491 0.2761 0.0079  -0.0314 0.0509  7  PRO A N   
50  C CA  . PRO A 7  ? 0.2212 0.2380 0.2650 -0.0081 -0.0193 0.0379  7  PRO A CA  
51  C C   . PRO A 7  ? 0.2167 0.2377 0.2767 -0.0047 -0.0271 0.0350  7  PRO A C   
52  O O   . PRO A 7  ? 0.2625 0.2601 0.3275 -0.0152 -0.0271 0.0384  7  PRO A O   
53  C CB  . PRO A 7  ? 0.1924 0.2453 0.2344 -0.0111 -0.0426 0.0283  7  PRO A CB  
54  C CG  . PRO A 7  ? 0.2424 0.2686 0.2795 -0.0099 -0.0336 0.0321  7  PRO A CG  
55  C CD  . PRO A 7  ? 0.2126 0.2571 0.2658 -0.0197 -0.0336 0.0417  7  PRO A CD  
56  N N   . ALA A 8  ? 0.2284 0.2142 0.2575 0.0029  -0.0263 0.0324  8  ALA A N   
57  C CA  . ALA A 8  ? 0.2379 0.2273 0.2439 0.0102  -0.0162 0.0184  8  ALA A CA  
58  C C   . ALA A 8  ? 0.2397 0.2236 0.2384 0.0134  -0.0094 0.0117  8  ALA A C   
59  O O   . ALA A 8  ? 0.2363 0.1945 0.2081 0.0255  -0.0141 0.0073  8  ALA A O   
60  C CB  . ALA A 8  ? 0.2434 0.2389 0.2715 0.0032  -0.0076 0.0276  8  ALA A CB  
61  N N   . CYS A 9  ? 0.2484 0.2402 0.2585 0.0228  -0.0105 0.0173  9  CYS A N   
62  C CA  . CYS A 9  ? 0.2658 0.2538 0.2592 0.0231  0.0053  0.0176  9  CYS A CA  
63  C C   . CYS A 9  ? 0.2791 0.2644 0.2608 0.0189  0.0046  0.0121  9  CYS A C   
64  O O   . CYS A 9  ? 0.3250 0.3150 0.2658 0.0251  0.0186  0.0165  9  CYS A O   
65  C CB  . CYS A 9  ? 0.2740 0.2433 0.2651 0.0238  0.0079  0.0107  9  CYS A CB  
66  S SG  . CYS A 9  ? 0.2576 0.2430 0.3259 0.0236  0.0220  0.0419  9  CYS A SG  
67  N N   . ILE A 10 ? 0.2802 0.3039 0.2713 0.0241  -0.0013 0.0003  10 ILE A N   
68  C CA  . ILE A 10 ? 0.2994 0.3172 0.2603 0.0155  -0.0169 0.0021  10 ILE A CA  
69  C C   . ILE A 10 ? 0.3267 0.3503 0.2979 0.0215  -0.0233 -0.0071 10 ILE A C   
70  O O   . ILE A 10 ? 0.3359 0.3864 0.2960 0.0316  -0.0228 0.0054  10 ILE A O   
71  C CB  . ILE A 10 ? 0.2954 0.3052 0.2719 0.0115  -0.0163 -0.0002 10 ILE A CB  
72  C CG1 . ILE A 10 ? 0.2791 0.3058 0.2651 0.0082  -0.0068 -0.0048 10 ILE A CG1 
73  C CG2 . ILE A 10 ? 0.2774 0.3058 0.2198 0.0105  -0.0146 -0.0087 10 ILE A CG2 
74  C CD1 . ILE A 10 ? 0.2892 0.3138 0.2796 -0.0099 -0.0231 0.0107  10 ILE A CD1 
75  N N   . ALA A 11 ? 0.3460 0.3780 0.3149 0.0228  -0.0320 -0.0079 11 ALA A N   
76  C CA  . ALA A 11 ? 0.3512 0.3617 0.3137 0.0104  -0.0308 -0.0190 11 ALA A CA  
77  C C   . ALA A 11 ? 0.3585 0.3824 0.3251 0.0111  -0.0252 -0.0207 11 ALA A C   
78  O O   . ALA A 11 ? 0.3660 0.3863 0.3363 0.0061  -0.0099 -0.0296 11 ALA A O   
79  C CB  . ALA A 11 ? 0.3700 0.3853 0.3351 0.0067  -0.0296 -0.0100 11 ALA A CB  
80  N N   . GLY A 12 ? 0.3506 0.3684 0.3221 0.0139  -0.0269 -0.0258 12 GLY A N   
81  C CA  . GLY A 12 ? 0.3438 0.3496 0.3151 0.0109  -0.0240 -0.0193 12 GLY A CA  
82  C C   . GLY A 12 ? 0.3441 0.3282 0.3145 0.0094  -0.0249 -0.0161 12 GLY A C   
83  O O   . GLY A 12 ? 0.3819 0.3468 0.3498 0.0049  -0.0231 -0.0168 12 GLY A O   
84  N N   . GLU A 13 ? 0.3116 0.3024 0.2752 0.0112  -0.0160 -0.0116 13 GLU A N   
85  C CA  . GLU A 13 ? 0.2777 0.2718 0.2493 0.0123  -0.0169 -0.0094 13 GLU A CA  
86  C C   . GLU A 13 ? 0.2741 0.2674 0.2331 0.0079  -0.0163 -0.0045 13 GLU A C   
87  O O   . GLU A 13 ? 0.2911 0.2952 0.2181 0.0201  -0.0282 0.0010  13 GLU A O   
88  C CB  . GLU A 13 ? 0.2680 0.2498 0.2336 0.0146  -0.0022 -0.0079 13 GLU A CB  
89  C CG  . GLU A 13 ? 0.2634 0.2503 0.2240 -0.0021 -0.0054 0.0047  13 GLU A CG  
90  C CD  . GLU A 13 ? 0.2498 0.2558 0.2479 0.0139  -0.0135 0.0055  13 GLU A CD  
91  O OE1 . GLU A 13 ? 0.2644 0.2692 0.2335 0.0210  -0.0083 0.0069  13 GLU A OE1 
92  O OE2 . GLU A 13 ? 0.3089 0.2822 0.2399 0.0488  0.0083  0.0066  13 GLU A OE2 
93  N N   . DAB A 14 ? 0.2670 0.2625 0.2131 0.0139  -0.0223 -0.0104 14 DAB A N   
94  C CA  . DAB A 14 ? 0.2570 0.2620 0.2174 0.0175  -0.0190 -0.0209 14 DAB A CA  
95  C C   . DAB A 14 ? 0.2409 0.2445 0.2035 0.0112  -0.0136 -0.0195 14 DAB A C   
96  O O   . DAB A 14 ? 0.2382 0.2386 0.1956 0.0082  -0.0149 -0.0200 14 DAB A O   
97  C CB  . DAB A 14 ? 0.2788 0.2829 0.2258 0.0228  -0.0182 -0.0342 14 DAB A CB  
98  C CG  . DAB A 14 ? 0.3121 0.3527 0.2773 0.0149  -0.0108 -0.0244 14 DAB A CG  
99  N ND  . DAB A 14 ? 0.3940 0.4112 0.3545 0.0125  0.0235  -0.0163 14 DAB A ND  
100 N N   . DAB A 15 ? 0.2304 0.2492 0.2033 0.0141  -0.0026 -0.0140 15 DAB A N   
101 C CA  . DAB A 15 ? 0.2207 0.2339 0.2104 0.0135  0.0030  -0.0012 15 DAB A CA  
102 C C   . DAB A 15 ? 0.2040 0.2279 0.1948 0.0168  0.0126  -0.0001 15 DAB A C   
103 O O   . DAB A 15 ? 0.2095 0.2288 0.1883 0.0235  0.0199  -0.0077 15 DAB A O   
104 C CB  . DAB A 15 ? 0.2345 0.2432 0.2428 0.0057  0.0153  -0.0038 15 DAB A CB  
105 C CG  . DAB A 15 ? 0.3117 0.2915 0.2907 -0.0107 0.0126  0.0031  15 DAB A CG  
106 N ND  . DAB A 15 ? 0.3322 0.3255 0.3450 -0.0404 0.0110  0.0264  15 DAB A ND  
107 N N   . TYR A 16 ? 0.1883 0.2157 0.1795 0.0218  -0.0004 -0.0055 16 TYR A N   
108 C CA  . TYR A 16 ? 0.2117 0.2269 0.1931 0.0174  -0.0029 -0.0032 16 TYR A CA  
109 C C   . TYR A 16 ? 0.2171 0.2374 0.2092 -0.0017 0.0010  -0.0040 16 TYR A C   
110 O O   . TYR A 16 ? 0.2516 0.2929 0.2263 -0.0178 -0.0007 0.0062  16 TYR A O   
111 C CB  . TYR A 16 ? 0.2236 0.2268 0.2039 0.0179  -0.0047 -0.0009 16 TYR A CB  
112 C CG  . TYR A 16 ? 0.2713 0.2375 0.2578 0.0104  -0.0065 -0.0027 16 TYR A CG  
113 C CD1 . TYR A 16 ? 0.2738 0.2597 0.2630 0.0111  0.0229  -0.0150 16 TYR A CD1 
114 C CD2 . TYR A 16 ? 0.2564 0.2208 0.2468 -0.0102 0.0110  0.0031  16 TYR A CD2 
115 C CE1 . TYR A 16 ? 0.2900 0.2803 0.2745 0.0021  -0.0027 -0.0087 16 TYR A CE1 
116 C CE2 . TYR A 16 ? 0.2676 0.2433 0.2551 0.0062  -0.0165 -0.0053 16 TYR A CE2 
117 C CZ  . TYR A 16 ? 0.2782 0.2299 0.2428 0.0020  -0.0048 -0.0257 16 TYR A CZ  
118 O OH  . TYR A 16 ? 0.3518 0.2610 0.2804 -0.0060 -0.0262 -0.0157 16 TYR A OH  
119 N N   . GLY A 17 ? 0.2355 0.2112 0.2197 0.0139  -0.0080 -0.0149 17 GLY A N   
120 C CA  . GLY A 17 ? 0.2092 0.2006 0.1939 0.0196  -0.0098 -0.0300 17 GLY A CA  
121 C C   . GLY A 17 ? 0.2018 0.2024 0.2020 0.0183  -0.0107 -0.0199 17 GLY A C   
122 O O   . GLY A 17 ? 0.1707 0.2176 0.1684 0.0090  -0.0008 -0.0309 17 GLY A O   
123 N N   . THR A 18 ? 0.1891 0.1874 0.1850 0.0095  -0.0038 -0.0158 18 THR A N   
124 C CA  . THR A 18 ? 0.1761 0.1781 0.1898 0.0054  -0.0086 -0.0095 18 THR A CA  
125 C C   . THR A 18 ? 0.1722 0.1680 0.1951 -0.0005 -0.0016 -0.0135 18 THR A C   
126 O O   . THR A 18 ? 0.1675 0.1779 0.1851 0.0090  0.0032  -0.0326 18 THR A O   
127 C CB  . THR A 18 ? 0.1941 0.1888 0.1890 -0.0037 -0.0210 0.0008  18 THR A CB  
128 O OG1 . THR A 18 ? 0.2852 0.2751 0.2921 -0.0167 -0.0039 0.0210  18 THR A OG1 
129 C CG2 . THR A 18 ? 0.0930 0.1774 0.2106 0.0054  -0.0364 -0.0020 18 THR A CG2 
130 N N   . CYS A 19 ? 0.1722 0.1716 0.2143 0.0012  -0.0026 -0.0143 19 CYS A N   
131 C CA  . CYS A 19 ? 0.1686 0.1612 0.2106 0.0021  0.0030  -0.0231 19 CYS A CA  
132 C C   . CYS A 19 ? 0.2050 0.1805 0.2275 -0.0013 0.0078  -0.0116 19 CYS A C   
133 O O   . CYS A 19 ? 0.2309 0.1855 0.2436 0.0078  0.0117  -0.0023 19 CYS A O   
134 C CB  . CYS A 19 ? 0.1837 0.1505 0.2373 -0.0047 0.0062  -0.0289 19 CYS A CB  
135 S SG  . CYS A 19 ? 0.2133 0.2093 0.2054 0.0173  0.0144  -0.0145 19 CYS A SG  
136 N N   . ILE A 20 ? 0.2236 0.2069 0.2096 -0.0014 0.0152  -0.0126 20 ILE A N   
137 C CA  . ILE A 20 ? 0.2450 0.2319 0.2350 0.0018  0.0192  -0.0153 20 ILE A CA  
138 C C   . ILE A 20 ? 0.2849 0.2509 0.2532 0.0144  0.0254  -0.0204 20 ILE A C   
139 O O   . ILE A 20 ? 0.2986 0.2514 0.2423 0.0294  0.0465  -0.0242 20 ILE A O   
140 C CB  . ILE A 20 ? 0.2684 0.2501 0.2481 0.0001  0.0123  -0.0251 20 ILE A CB  
141 C CG1 . ILE A 20 ? 0.2510 0.2426 0.2627 -0.0032 0.0125  -0.0196 20 ILE A CG1 
142 C CG2 . ILE A 20 ? 0.3156 0.2679 0.2759 -0.0115 -0.0037 -0.0328 20 ILE A CG2 
143 C CD1 . ILE A 20 ? 0.2457 0.2455 0.2527 -0.0094 -0.0069 -0.0499 20 ILE A CD1 
144 N N   . TYR A 21 ? 0.2902 0.2660 0.2844 0.0167  0.0376  -0.0193 21 TYR A N   
145 C CA  . TYR A 21 ? 0.3259 0.2914 0.3332 0.0244  0.0259  -0.0142 21 TYR A CA  
146 C C   . TYR A 21 ? 0.3391 0.2952 0.3295 0.0259  0.0194  -0.0159 21 TYR A C   
147 O O   . TYR A 21 ? 0.3521 0.2951 0.3342 0.0232  0.0293  -0.0102 21 TYR A O   
148 C CB  . TYR A 21 ? 0.3405 0.3247 0.3468 0.0137  0.0201  -0.0087 21 TYR A CB  
149 C CG  . TYR A 21 ? 0.3550 0.3527 0.3822 0.0035  0.0203  -0.0070 21 TYR A CG  
150 C CD1 . TYR A 21 ? 0.3916 0.3661 0.3939 -0.0044 0.0265  -0.0179 21 TYR A CD1 
151 C CD2 . TYR A 21 ? 0.3525 0.3677 0.4125 0.0011  0.0191  -0.0242 21 TYR A CD2 
152 C CE1 . TYR A 21 ? 0.3517 0.3629 0.4209 0.0069  0.0186  -0.0390 21 TYR A CE1 
153 C CE2 . TYR A 21 ? 0.4262 0.3823 0.4388 -0.0021 0.0127  -0.0307 21 TYR A CE2 
154 C CZ  . TYR A 21 ? 0.3447 0.3767 0.3852 0.0187  0.0412  -0.0215 21 TYR A CZ  
155 O OH  . TYR A 21 ? 0.3978 0.4461 0.4594 -0.0232 0.0102  -0.0108 21 TYR A OH  
156 N N   . GLN A 22 ? 0.3473 0.3056 0.3362 0.0291  0.0177  -0.0116 22 GLN A N   
157 C CA  . GLN A 22 ? 0.3436 0.2991 0.3388 0.0239  0.0085  -0.0189 22 GLN A CA  
158 C C   . GLN A 22 ? 0.3400 0.3010 0.3398 0.0228  0.0035  -0.0206 22 GLN A C   
159 O O   . GLN A 22 ? 0.3556 0.3167 0.3629 0.0207  0.0012  -0.0190 22 GLN A O   
160 C CB  . GLN A 22 ? 0.3529 0.3069 0.3520 0.0168  0.0127  -0.0191 22 GLN A CB  
161 C CG  . GLN A 22 ? 0.4294 0.3567 0.3727 0.0126  0.0308  -0.0175 22 GLN A CG  
162 C CD  . GLN A 22 ? 0.3659 0.4460 0.2899 -0.0283 0.0303  0.0153  22 GLN A CD  
163 O OE1 . GLN A 22 ? 0.5520 0.5054 0.5523 -0.0053 -0.0119 -0.0429 22 GLN A OE1 
164 N NE2 . GLN A 22 ? 0.4869 0.4712 0.5261 -0.0116 0.0037  0.0155  22 GLN A NE2 
165 N N   . GLY A 23 ? 0.3196 0.2929 0.3327 0.0186  -0.0029 -0.0302 23 GLY A N   
166 C CA  . GLY A 23 ? 0.3255 0.2892 0.3267 0.0162  -0.0077 -0.0209 23 GLY A CA  
167 C C   . GLY A 23 ? 0.3209 0.2791 0.3264 0.0117  -0.0104 -0.0146 23 GLY A C   
168 O O   . GLY A 23 ? 0.3449 0.2722 0.3634 0.0057  -0.0097 -0.0316 23 GLY A O   
169 N N   . DAB A 24 ? 0.3030 0.2609 0.3023 0.0202  -0.0183 -0.0184 24 DAB A N   
170 C CA  . DAB A 24 ? 0.2981 0.2702 0.3018 0.0177  -0.0111 -0.0072 24 DAB A CA  
171 C C   . DAB A 24 ? 0.2801 0.2566 0.2809 0.0065  -0.0091 -0.0051 24 DAB A C   
172 O O   . DAB A 24 ? 0.2863 0.2397 0.2931 0.0058  -0.0165 0.0075  24 DAB A O   
173 C CB  . DAB A 24 ? 0.2964 0.2941 0.3128 0.0256  -0.0117 -0.0136 24 DAB A CB  
174 C CG  . DAB A 24 ? 0.3617 0.3054 0.3629 0.0112  -0.0014 -0.0063 24 DAB A CG  
175 N ND  . DAB A 24 ? 0.4127 0.3813 0.4166 -0.0060 -0.0034 0.0167  24 DAB A ND  
176 N N   . LEU A 25 ? 0.2549 0.2490 0.2603 -0.0019 -0.0125 -0.0062 25 LEU A N   
177 C CA  . LEU A 25 ? 0.2364 0.2280 0.2485 -0.0112 -0.0106 -0.0001 25 LEU A CA  
178 C C   . LEU A 25 ? 0.2260 0.2138 0.2441 -0.0150 -0.0070 0.0052  25 LEU A C   
179 O O   . LEU A 25 ? 0.2360 0.1950 0.2555 -0.0175 -0.0141 0.0018  25 LEU A O   
180 C CB  . LEU A 25 ? 0.2296 0.2399 0.2623 -0.0150 -0.0131 -0.0024 25 LEU A CB  
181 C CG  . LEU A 25 ? 0.2422 0.2585 0.2471 -0.0108 -0.0006 0.0073  25 LEU A CG  
182 C CD1 . LEU A 25 ? 0.2556 0.2773 0.2775 -0.0103 -0.0141 0.0075  25 LEU A CD1 
183 C CD2 . LEU A 25 ? 0.2223 0.2760 0.2793 -0.0265 -0.0083 0.0022  25 LEU A CD2 
184 N N   . TRP A 26 ? 0.2073 0.1844 0.2217 -0.0025 0.0109  -0.0002 26 TRP A N   
185 C CA  . TRP A 26 ? 0.2016 0.1905 0.2172 -0.0010 0.0137  0.0051  26 TRP A CA  
186 C C   . TRP A 26 ? 0.1788 0.1732 0.2009 0.0000  0.0099  -0.0011 26 TRP A C   
187 O O   . TRP A 26 ? 0.1781 0.1595 0.1914 0.0104  0.0088  0.0001  26 TRP A O   
188 C CB  . TRP A 26 ? 0.1951 0.1965 0.2364 -0.0104 0.0265  -0.0004 26 TRP A CB  
189 C CG  . TRP A 26 ? 0.2400 0.1969 0.2370 0.0134  0.0142  -0.0001 26 TRP A CG  
190 C CD1 . TRP A 26 ? 0.2290 0.1967 0.2539 0.0022  0.0253  -0.0278 26 TRP A CD1 
191 C CD2 . TRP A 26 ? 0.2297 0.2400 0.2447 -0.0015 0.0329  -0.0167 26 TRP A CD2 
192 N NE1 . TRP A 26 ? 0.2489 0.2321 0.2763 0.0142  0.0378  -0.0242 26 TRP A NE1 
193 C CE2 . TRP A 26 ? 0.2423 0.2456 0.2960 0.0221  0.0247  -0.0229 26 TRP A CE2 
194 C CE3 . TRP A 26 ? 0.2344 0.2371 0.2796 0.0232  0.0172  0.0012  26 TRP A CE3 
195 C CZ2 . TRP A 26 ? 0.2598 0.2026 0.3104 0.0078  0.0176  -0.0262 26 TRP A CZ2 
196 C CZ3 . TRP A 26 ? 0.2329 0.2195 0.2872 0.0222  0.0315  -0.0085 26 TRP A CZ3 
197 C CH2 . TRP A 26 ? 0.2378 0.2140 0.2786 0.0150  0.0216  0.0020  26 TRP A CH2 
198 N N   . ALA A 27 ? 0.1633 0.1694 0.1648 0.0120  0.0166  0.0045  27 ALA A N   
199 C CA  . ALA A 27 ? 0.1729 0.1675 0.1506 -0.0035 0.0195  0.0011  27 ALA A CA  
200 C C   . ALA A 27 ? 0.1619 0.1598 0.1707 0.0016  0.0129  -0.0021 27 ALA A C   
201 O O   . ALA A 27 ? 0.1568 0.1796 0.1822 0.0094  0.0398  0.0093  27 ALA A O   
202 C CB  . ALA A 27 ? 0.1788 0.2008 0.1782 0.0030  0.0012  0.0184  27 ALA A CB  
203 N N   . PHE A 28 ? 0.1623 0.1615 0.1515 0.0066  0.0189  0.0108  28 PHE A N   
204 C CA  . PHE A 28 ? 0.1518 0.1368 0.1668 0.0032  0.0054  -0.0050 28 PHE A CA  
205 C C   . PHE A 28 ? 0.1700 0.1628 0.1680 0.0176  0.0071  -0.0026 28 PHE A C   
206 O O   . PHE A 28 ? 0.1776 0.1731 0.1855 0.0380  0.0176  -0.0104 28 PHE A O   
207 C CB  . PHE A 28 ? 0.1714 0.1346 0.1526 0.0007  -0.0025 0.0049  28 PHE A CB  
208 C CG  . PHE A 28 ? 0.1485 0.1219 0.1887 -0.0073 -0.0002 -0.0037 28 PHE A CG  
209 C CD1 . PHE A 28 ? 0.1532 0.1299 0.1908 -0.0137 -0.0106 0.0074  28 PHE A CD1 
210 C CD2 . PHE A 28 ? 0.1959 0.1808 0.2004 -0.0043 -0.0031 -0.0215 28 PHE A CD2 
211 C CE1 . PHE A 28 ? 0.1819 0.1721 0.1668 -0.0109 0.0169  0.0084  28 PHE A CE1 
212 C CE2 . PHE A 28 ? 0.1565 0.1468 0.1736 0.0072  0.0128  0.0243  28 PHE A CE2 
213 C CZ  . PHE A 28 ? 0.1526 0.1595 0.1740 0.0085  0.0028  0.0180  28 PHE A CZ  
214 N N   . CYS A 29 ? 0.1676 0.1636 0.1742 0.0057  0.0186  0.0038  29 CYS A N   
215 C CA  . CYS A 29 ? 0.1785 0.1662 0.2048 0.0048  -0.0075 0.0082  29 CYS A CA  
216 C C   . CYS A 29 ? 0.1928 0.1748 0.2061 0.0050  -0.0020 0.0122  29 CYS A C   
217 O O   . CYS A 29 ? 0.1756 0.1632 0.2004 -0.0083 -0.0005 0.0204  29 CYS A O   
218 C CB  . CYS A 29 ? 0.1960 0.1603 0.2081 0.0040  -0.0180 0.0162  29 CYS A CB  
219 S SG  . CYS A 29 ? 0.2269 0.1947 0.2737 0.0070  -0.0165 0.0370  29 CYS A SG  
220 N N   . CYS A 30 ? 0.2173 0.1847 0.2202 -0.0032 0.0009  0.0017  30 CYS A N   
221 C CA  . CYS A 30 ? 0.2372 0.2100 0.2321 -0.0059 -0.0062 -0.0075 30 CYS A CA  
222 C C   . CYS A 30 ? 0.2467 0.2294 0.2369 -0.0119 0.0013  -0.0084 30 CYS A C   
223 O O   . CYS A 30 ? 0.2689 0.2452 0.2380 -0.0109 -0.0019 -0.0268 30 CYS A O   
224 C CB  . CYS A 30 ? 0.2496 0.2077 0.2263 -0.0014 0.0003  0.0049  30 CYS A CB  
225 S SG  . CYS A 30 ? 0.2435 0.2258 0.2670 0.0370  -0.0101 0.0172  30 CYS A SG  
226 O OXT . CYS A 30 ? 0.2884 0.2636 0.2550 -0.0181 -0.0114 -0.0243 30 CYS A OXT 
227 O O   . HOH B .  ? 0.2112 0.2930 0.2231 -0.0240 -0.0137 0.0112  31 HOH A O   
228 O O   . HOH B .  ? 0.2466 0.3926 0.2354 0.0674  -0.0121 -0.0191 32 HOH A O   
229 O O   . HOH B .  ? 0.3008 0.4080 0.2615 0.0823  -0.0665 -0.0025 33 HOH A O   
230 O O   . HOH B .  ? 0.4259 0.4397 0.4518 -0.0158 -0.0044 -0.0152 34 HOH A O   
231 O O   . HOH B .  ? 0.3463 0.2645 0.4095 -0.0397 0.1127  -0.0549 35 HOH A O   
232 O O   . HOH B .  ? 0.3058 0.2975 0.3796 -0.0065 0.0313  -0.0354 36 HOH A O   
233 O O   . HOH B .  ? 0.3710 0.4266 0.3428 0.0414  -0.0166 0.0182  37 HOH A O   
234 O O   . HOH B .  ? 0.7317 0.7122 0.6966 -0.0044 0.0000  0.0060  38 HOH A O   
235 O O   . HOH B .  ? 0.3503 0.4171 0.4656 -0.0114 -0.0056 -0.0019 39 HOH A O   
236 O O   . HOH B .  ? 0.4356 0.4154 0.4138 -0.0154 0.0328  -0.0381 40 HOH A O   
237 O O   . HOH B .  ? 0.5000 0.5672 0.5777 -0.0139 0.0175  -0.0021 41 HOH A O   
238 O O   . HOH B .  ? 0.4445 0.5006 0.4464 -0.0446 -0.0447 -0.0123 42 HOH A O   
239 O O   . HOH B .  ? 0.3528 0.3535 0.3848 0.0305  -0.0080 0.0605  43 HOH A O   
240 O O   . HOH B .  ? 0.3460 0.4029 0.3769 -0.0092 -0.0218 0.0385  44 HOH A O   
241 O O   . HOH B .  ? 0.5464 0.5048 0.5806 0.0506  -0.0130 -0.0189 45 HOH A O   
242 O O   . HOH B .  ? 0.5065 0.3615 0.4579 0.0033  0.0012  0.0195  46 HOH A O   
243 O O   . HOH B .  ? 0.5505 0.4369 0.4524 0.0239  0.0008  -0.0047 47 HOH A O   
244 O O   . HOH B .  ? 0.4489 0.4446 0.4601 -0.0276 -0.0077 0.0634  48 HOH A O   
245 O O   . HOH B .  ? 0.4489 0.4198 0.4668 -0.0502 -0.0262 -0.0252 49 HOH A O   
246 O O   . HOH B .  ? 0.4731 0.5342 0.5155 -0.0304 0.0164  -0.0108 50 HOH A O   
247 O O   . HOH B .  ? 0.4304 0.5039 0.4157 -0.0233 -0.0274 -0.0162 51 HOH A O   
248 O O   . HOH B .  ? 0.5781 0.6335 0.6109 -0.0281 -0.0266 -0.0098 52 HOH A O   
249 O O   . HOH B .  ? 0.5381 0.5823 0.4629 0.0205  0.0226  -0.0318 53 HOH A O   
250 O O   . HOH B .  ? 0.6644 0.6371 0.6659 0.0197  0.0187  -0.0236 54 HOH A O   
251 O O   . HOH B .  ? 0.5107 0.3783 0.4763 -0.0047 -0.0052 0.0260  55 HOH A O   
252 O O   . HOH B .  ? 0.5514 0.6120 0.5964 0.0263  -0.0208 -0.0249 56 HOH A O   
253 O O   . HOH B .  ? 0.5755 0.5883 0.5089 0.0145  0.0224  0.0302  57 HOH A O   
254 O O   . HOH B .  ? 0.5225 0.4782 0.5435 -0.0050 0.0270  0.0029  58 HOH A O   
255 O O   . HOH B .  ? 0.5255 0.5207 0.3725 -0.0009 0.0087  0.0288  59 HOH A O   
256 O O   . HOH B .  ? 0.4444 0.5037 0.4243 -0.0329 0.0016  0.0326  60 HOH A O   
257 O O   . HOH B .  ? 0.7455 0.7696 0.7424 -0.0089 0.0020  0.0052  61 HOH A O   
258 O O   . HOH B .  ? 0.4317 0.5058 0.4683 0.0063  0.0206  -0.0065 62 HOH A O   
259 O O   . HOH B .  ? 0.6252 0.5808 0.6207 0.0299  -0.0131 -0.0068 63 HOH A O   
260 O O   . HOH B .  ? 0.6495 0.6469 0.6508 0.0223  0.0079  -0.0120 64 HOH A O   
261 O O   . HOH B .  ? 0.5924 0.5419 0.5201 0.0343  -0.0097 0.0555  65 HOH A O   
262 O O   . HOH B .  ? 0.7021 0.6876 0.6779 0.0152  -0.0043 -0.0102 66 HOH A O   
263 O O   . HOH B .  ? 0.6503 0.6995 0.6556 0.0040  0.0116  -0.0114 67 HOH A O   
264 O O   . HOH B .  ? 0.8050 0.8105 0.8295 0.0006  0.0041  -0.0190 68 HOH A O   
265 O O   . HOH B .  ? 0.5270 0.5728 0.5236 -0.0097 0.0222  0.0035  69 HOH A O   
266 O O   . HOH B .  ? 0.4365 0.5138 0.5229 0.0296  -0.0171 0.0534  70 HOH A O   
267 O O   . HOH B .  ? 0.6442 0.6353 0.6241 0.0072  -0.0041 0.0259  71 HOH A O   
268 O O   . HOH B .  ? 0.6267 0.5964 0.6005 0.0030  0.0197  -0.0494 72 HOH A O   
269 O O   . HOH B .  ? 0.6378 0.6228 0.6334 0.0059  -0.0106 0.0164  73 HOH A O   
270 O O   . HOH B .  ? 0.6310 0.6582 0.6136 0.0071  0.0039  -0.0030 74 HOH A O   
271 O O   . HOH B .  ? 0.8547 0.8757 0.8795 0.0052  0.0145  -0.0033 75 HOH A O   
272 O O   . HOH B .  ? 0.6432 0.6501 0.5822 -0.0124 -0.0038 0.0038  76 HOH A O   
273 O O   . HOH B .  ? 0.6828 0.7145 0.6801 -0.0101 0.0088  0.0130  77 HOH A O   
274 O O   . HOH B .  ? 0.6972 0.6631 0.6681 0.0189  0.0021  0.0162  78 HOH A O   
275 O O   . HOH B .  ? 0.6818 0.7153 0.6812 -0.0122 -0.0151 0.0199  79 HOH A O   
276 O O   . HOH B .  ? 1.8677 1.8547 1.8636 0.0019  -0.0008 -0.0003 80 HOH A O   
277 O O   . HOH B .  ? 0.7089 0.7053 0.7409 -0.0024 -0.0017 -0.0193 81 HOH A O   
278 O O   . HOH B .  ? 0.4545 0.3794 0.4783 -0.0644 0.0154  -0.0127 82 HOH A O   
279 O O   . HOH B .  ? 1.2009 1.2079 1.2060 -0.0011 0.0090  0.0055  83 HOH A O   
# 
